data_8S7M
#
_entry.id   8S7M
#
_cell.length_a   51.860
_cell.length_b   51.990
_cell.length_c   81.430
_cell.angle_alpha   74.19
_cell.angle_beta   81.79
_cell.angle_gamma   70.77
#
_symmetry.space_group_name_H-M   'P 1'
#
loop_
_entity.id
_entity.type
_entity.pdbx_description
1 polymer 'Phosphoglycerate mutase'
2 non-polymer RIBOFLAVIN
3 non-polymer GLYCEROL
4 water water
#
_entity_poly.entity_id   1
_entity_poly.type   'polypeptide(L)'
_entity_poly.pdbx_seq_one_letter_code
;WSHPQFEKIEGRMSDGRESFLEVMRSVYERYLVGVPGVSEVWLIAHADSYTGLEDYDGDPRDPALSEKGRAQARLLAARL
AGVPLHGVWASGAHRAQQTASAVAAEHGLRVRTDARLREVRTNWDDGRPSELKPHGVYPFPEPEKEVAERMRTAVTAAVA
ATPPAPDGTTRVAVVGHDSALVILMGSLMNLGWGQLDMILPLTSVSVLAVKDERMVVRSIGDATHLAAAPSDVI
;
_entity_poly.pdbx_strand_id   A,B,C,D
#
# COMPACT_ATOMS: atom_id res chain seq x y z
N MET A 13 -18.76 -3.88 23.06
CA MET A 13 -19.25 -2.59 22.57
C MET A 13 -18.11 -1.62 22.21
N SER A 14 -17.11 -1.52 23.08
CA SER A 14 -15.90 -0.74 22.81
C SER A 14 -14.80 -1.63 22.23
N ASP A 15 -15.18 -2.30 21.14
CA ASP A 15 -14.45 -3.42 20.56
C ASP A 15 -13.64 -3.04 19.33
N GLY A 16 -13.37 -1.75 19.14
CA GLY A 16 -12.74 -1.23 17.93
C GLY A 16 -13.69 -0.51 17.00
N ARG A 17 -15.01 -0.64 17.20
CA ARG A 17 -15.94 0.02 16.29
C ARG A 17 -15.92 1.54 16.47
N GLU A 18 -15.59 2.05 17.65
CA GLU A 18 -15.63 3.50 17.82
C GLU A 18 -14.52 4.21 17.06
N SER A 19 -13.30 3.66 17.12
CA SER A 19 -12.20 4.26 16.35
C SER A 19 -12.44 4.11 14.86
N PHE A 20 -12.98 2.96 14.45
CA PHE A 20 -13.35 2.74 13.05
C PHE A 20 -14.31 3.81 12.56
N LEU A 21 -15.36 4.09 13.34
CA LEU A 21 -16.35 5.09 12.92
C LEU A 21 -15.78 6.50 12.96
N GLU A 22 -14.94 6.80 13.95
CA GLU A 22 -14.40 8.15 14.06
C GLU A 22 -13.49 8.44 12.88
N VAL A 23 -12.63 7.49 12.54
CA VAL A 23 -11.77 7.63 11.36
C VAL A 23 -12.62 7.80 10.10
N MET A 24 -13.67 6.98 9.97
CA MET A 24 -14.51 7.04 8.78
C MET A 24 -15.12 8.43 8.63
N ARG A 25 -15.66 8.98 9.71
CA ARG A 25 -16.23 10.33 9.66
C ARG A 25 -15.18 11.35 9.25
N SER A 26 -13.96 11.25 9.80
CA SER A 26 -12.91 12.19 9.43
C SER A 26 -12.55 12.08 7.95
N VAL A 27 -12.50 10.85 7.43
CA VAL A 27 -12.19 10.69 6.00
C VAL A 27 -13.31 11.29 5.15
N TYR A 28 -14.56 11.02 5.50
CA TYR A 28 -15.67 11.62 4.77
C TYR A 28 -15.56 13.14 4.77
N GLU A 29 -15.20 13.73 5.92
CA GLU A 29 -15.17 15.18 6.01
C GLU A 29 -14.06 15.77 5.15
N ARG A 30 -12.92 15.07 5.04
CA ARG A 30 -11.86 15.49 4.15
C ARG A 30 -12.34 15.62 2.72
N TYR A 31 -13.30 14.78 2.32
CA TYR A 31 -13.82 14.81 0.96
C TYR A 31 -15.17 15.50 0.87
N LEU A 32 -15.54 16.25 1.91
CA LEU A 32 -16.76 17.07 1.92
C LEU A 32 -18.03 16.23 1.89
N VAL A 33 -17.96 14.97 2.31
CA VAL A 33 -19.12 14.09 2.37
C VAL A 33 -19.78 14.24 3.74
N GLY A 34 -21.10 14.46 3.74
CA GLY A 34 -21.80 14.67 4.99
C GLY A 34 -21.44 15.95 5.71
N VAL A 35 -20.89 16.92 4.99
CA VAL A 35 -20.47 18.20 5.57
C VAL A 35 -21.52 19.25 5.22
N PRO A 36 -22.02 20.02 6.18
CA PRO A 36 -22.98 21.08 5.84
C PRO A 36 -22.32 22.19 5.03
N GLY A 37 -23.16 22.91 4.30
CA GLY A 37 -22.67 24.10 3.61
C GLY A 37 -21.80 23.83 2.40
N VAL A 38 -21.91 22.64 1.81
CA VAL A 38 -21.18 22.28 0.60
C VAL A 38 -22.09 22.54 -0.59
N SER A 39 -21.54 23.15 -1.64
CA SER A 39 -22.22 23.35 -2.90
CA SER A 39 -22.26 23.30 -2.89
C SER A 39 -21.69 22.34 -3.92
N GLU A 40 -22.42 22.21 -5.03
CA GLU A 40 -21.99 21.30 -6.08
C GLU A 40 -21.93 22.01 -7.41
N VAL A 41 -20.97 21.59 -8.24
CA VAL A 41 -20.86 22.03 -9.62
C VAL A 41 -21.04 20.79 -10.45
N TRP A 42 -22.06 20.77 -11.28
CA TRP A 42 -22.25 19.65 -12.20
C TRP A 42 -21.65 20.06 -13.53
N LEU A 43 -20.49 19.49 -13.83
CA LEU A 43 -19.77 19.74 -15.07
C LEU A 43 -20.31 18.80 -16.14
N ILE A 44 -20.86 19.36 -17.21
CA ILE A 44 -21.54 18.60 -18.23
C ILE A 44 -20.79 18.80 -19.55
N ALA A 45 -20.34 17.71 -20.16
CA ALA A 45 -19.82 17.82 -21.52
C ALA A 45 -20.98 18.02 -22.49
N HIS A 46 -20.80 18.90 -23.48
CA HIS A 46 -21.89 19.13 -24.44
C HIS A 46 -22.25 17.84 -25.19
N ALA A 47 -23.41 17.87 -25.85
CA ALA A 47 -23.91 16.73 -26.60
C ALA A 47 -23.27 16.64 -27.98
N ASP A 48 -23.53 15.53 -28.67
CA ASP A 48 -22.85 15.28 -29.94
C ASP A 48 -23.12 16.35 -31.00
N SER A 49 -22.04 16.78 -31.65
CA SER A 49 -22.13 17.61 -32.83
C SER A 49 -21.29 17.01 -33.96
N TYR A 50 -20.75 15.81 -33.77
CA TYR A 50 -19.82 15.21 -34.70
C TYR A 50 -20.44 14.22 -35.68
N THR A 51 -21.55 13.55 -35.32
CA THR A 51 -22.21 12.67 -36.27
C THR A 51 -22.72 13.48 -37.45
N GLY A 52 -22.29 13.09 -38.65
CA GLY A 52 -22.64 13.84 -39.84
C GLY A 52 -21.85 15.11 -40.07
N LEU A 53 -20.84 15.39 -39.23
CA LEU A 53 -20.08 16.64 -39.38
C LEU A 53 -19.39 16.73 -40.72
N GLU A 54 -19.03 15.58 -41.31
CA GLU A 54 -18.36 15.59 -42.61
C GLU A 54 -19.22 16.23 -43.70
N ASP A 55 -20.55 16.27 -43.51
CA ASP A 55 -21.46 16.86 -44.49
C ASP A 55 -22.10 18.15 -44.01
N TYR A 56 -21.70 18.65 -42.85
CA TYR A 56 -22.33 19.81 -42.25
C TYR A 56 -22.08 21.06 -43.11
N ASP A 57 -23.14 21.84 -43.33
CA ASP A 57 -23.08 23.01 -44.20
C ASP A 57 -22.78 24.31 -43.46
N GLY A 58 -22.65 24.28 -42.15
CA GLY A 58 -22.31 25.45 -41.38
C GLY A 58 -20.85 25.50 -41.02
N ASP A 59 -20.54 26.20 -39.92
CA ASP A 59 -19.18 26.29 -39.44
C ASP A 59 -18.84 24.98 -38.72
N PRO A 60 -17.94 24.15 -39.26
CA PRO A 60 -17.69 22.86 -38.60
C PRO A 60 -16.96 22.98 -37.29
N ARG A 61 -16.32 24.12 -37.02
CA ARG A 61 -15.71 24.34 -35.73
C ARG A 61 -16.68 24.84 -34.68
N ASP A 62 -17.84 25.35 -35.08
CA ASP A 62 -18.86 25.79 -34.13
C ASP A 62 -20.23 25.31 -34.59
N PRO A 63 -20.41 23.99 -34.68
CA PRO A 63 -21.65 23.43 -35.24
C PRO A 63 -22.75 23.36 -34.21
N ALA A 64 -23.98 23.27 -34.73
CA ALA A 64 -25.11 22.94 -33.88
C ALA A 64 -25.03 21.46 -33.51
N LEU A 65 -25.86 21.06 -32.56
CA LEU A 65 -25.96 19.64 -32.26
C LEU A 65 -26.44 18.86 -33.48
N SER A 66 -25.99 17.62 -33.56
CA SER A 66 -26.50 16.70 -34.57
C SER A 66 -27.85 16.16 -34.12
N GLU A 67 -28.49 15.38 -34.99
CA GLU A 67 -29.67 14.61 -34.60
C GLU A 67 -29.37 13.73 -33.38
N LYS A 68 -28.24 13.03 -33.41
CA LYS A 68 -27.85 12.22 -32.26
C LYS A 68 -27.66 13.10 -31.03
N GLY A 69 -27.00 14.25 -31.18
CA GLY A 69 -26.78 15.11 -30.04
C GLY A 69 -28.06 15.67 -29.45
N ARG A 70 -29.04 15.98 -30.30
CA ARG A 70 -30.32 16.43 -29.76
C ARG A 70 -30.97 15.33 -28.93
N ALA A 71 -30.86 14.07 -29.38
CA ALA A 71 -31.40 12.96 -28.60
C ALA A 71 -30.67 12.78 -27.28
N GLN A 72 -29.34 12.93 -27.28
CA GLN A 72 -28.58 12.87 -26.04
C GLN A 72 -28.97 13.98 -25.09
N ALA A 73 -29.12 15.19 -25.61
CA ALA A 73 -29.49 16.33 -24.77
C ALA A 73 -30.87 16.15 -24.16
N ARG A 74 -31.79 15.52 -24.90
CA ARG A 74 -33.11 15.23 -24.34
C ARG A 74 -33.01 14.26 -23.17
N LEU A 75 -32.22 13.19 -23.32
CA LEU A 75 -32.02 12.23 -22.23
C LEU A 75 -31.34 12.90 -21.02
N LEU A 76 -30.36 13.76 -21.28
CA LEU A 76 -29.72 14.50 -20.21
C LEU A 76 -30.69 15.40 -19.49
N ALA A 77 -31.52 16.15 -20.24
CA ALA A 77 -32.47 17.04 -19.61
C ALA A 77 -33.46 16.25 -18.75
N ALA A 78 -33.90 15.09 -19.23
CA ALA A 78 -34.82 14.27 -18.45
C ALA A 78 -34.17 13.78 -17.17
N ARG A 79 -32.87 13.43 -17.25
CA ARG A 79 -32.14 13.03 -16.06
C ARG A 79 -32.07 14.15 -15.04
N LEU A 80 -31.83 15.37 -15.48
CA LEU A 80 -31.65 16.49 -14.58
C LEU A 80 -32.98 17.15 -14.19
N ALA A 81 -34.11 16.72 -14.77
CA ALA A 81 -35.35 17.45 -14.52
C ALA A 81 -35.71 17.42 -13.04
N GLY A 82 -35.43 16.31 -12.36
CA GLY A 82 -35.74 16.18 -10.95
C GLY A 82 -34.62 16.62 -10.03
N VAL A 83 -33.51 17.09 -10.57
CA VAL A 83 -32.37 17.53 -9.77
C VAL A 83 -32.49 19.03 -9.57
N PRO A 84 -32.50 19.53 -8.34
CA PRO A 84 -32.52 20.99 -8.15
C PRO A 84 -31.27 21.65 -8.70
N LEU A 85 -31.46 22.70 -9.50
CA LEU A 85 -30.37 23.46 -10.10
C LEU A 85 -30.64 24.94 -9.91
N HIS A 86 -29.61 25.67 -9.53
CA HIS A 86 -29.78 27.05 -9.14
C HIS A 86 -29.07 28.01 -10.07
N GLY A 87 -28.35 27.48 -11.06
CA GLY A 87 -27.78 28.26 -12.14
C GLY A 87 -27.35 27.34 -13.26
N VAL A 88 -27.31 27.88 -14.48
CA VAL A 88 -26.82 27.14 -15.64
C VAL A 88 -25.88 28.05 -16.40
N TRP A 89 -24.62 27.62 -16.55
CA TRP A 89 -23.62 28.34 -17.32
C TRP A 89 -23.15 27.47 -18.48
N ALA A 90 -22.69 28.11 -19.56
CA ALA A 90 -22.14 27.38 -20.70
C ALA A 90 -21.06 28.21 -21.36
N SER A 91 -20.18 27.55 -22.11
CA SER A 91 -19.31 28.31 -23.01
C SER A 91 -20.15 28.97 -24.10
N GLY A 92 -19.50 29.79 -24.92
CA GLY A 92 -20.22 30.40 -26.01
C GLY A 92 -20.47 29.52 -27.22
N ALA A 93 -19.87 28.33 -27.26
CA ALA A 93 -20.07 27.47 -28.42
C ALA A 93 -21.53 27.08 -28.55
N HIS A 94 -22.03 27.06 -29.80
CA HIS A 94 -23.42 26.66 -30.05
C HIS A 94 -23.75 25.30 -29.43
N ARG A 95 -22.84 24.33 -29.56
CA ARG A 95 -23.17 23.00 -29.07
C ARG A 95 -23.30 22.98 -27.55
N ALA A 96 -22.54 23.83 -26.85
CA ALA A 96 -22.68 23.93 -25.41
C ALA A 96 -23.97 24.67 -25.04
N GLN A 97 -24.24 25.78 -25.74
CA GLN A 97 -25.46 26.56 -25.49
C GLN A 97 -26.70 25.71 -25.69
N GLN A 98 -26.71 24.93 -26.78
CA GLN A 98 -27.87 24.13 -27.10
C GLN A 98 -28.08 23.02 -26.08
N THR A 99 -26.97 22.43 -25.59
CA THR A 99 -27.07 21.42 -24.54
C THR A 99 -27.58 22.03 -23.25
N ALA A 100 -27.10 23.23 -22.91
CA ALA A 100 -27.52 23.90 -21.67
C ALA A 100 -28.98 24.36 -21.74
N SER A 101 -29.41 24.80 -22.91
CA SER A 101 -30.77 25.32 -23.06
C SER A 101 -31.79 24.26 -22.71
N ALA A 102 -31.55 23.02 -23.14
CA ALA A 102 -32.43 21.91 -22.81
C ALA A 102 -32.49 21.67 -21.30
N VAL A 103 -31.40 21.92 -20.58
CA VAL A 103 -31.38 21.73 -19.13
C VAL A 103 -32.04 22.91 -18.42
N ALA A 104 -31.71 24.13 -18.85
CA ALA A 104 -32.09 25.34 -18.10
C ALA A 104 -33.60 25.60 -18.15
N ALA A 105 -34.22 25.42 -19.32
CA ALA A 105 -35.63 25.77 -19.47
C ALA A 105 -36.48 25.01 -18.45
N GLU A 106 -36.08 23.81 -18.09
CA GLU A 106 -36.85 23.02 -17.13
C GLU A 106 -36.57 23.35 -15.68
N HIS A 107 -35.70 24.31 -15.42
CA HIS A 107 -35.43 24.78 -14.06
C HIS A 107 -35.73 26.26 -13.91
N GLY A 108 -36.38 26.87 -14.89
CA GLY A 108 -36.76 28.27 -14.79
C GLY A 108 -35.59 29.22 -14.82
N LEU A 109 -34.56 28.91 -15.60
CA LEU A 109 -33.33 29.68 -15.61
C LEU A 109 -32.93 30.04 -17.04
N ARG A 110 -32.40 31.24 -17.22
CA ARG A 110 -31.74 31.56 -18.47
C ARG A 110 -30.34 30.96 -18.47
N VAL A 111 -29.84 30.59 -19.66
CA VAL A 111 -28.45 30.15 -19.77
C VAL A 111 -27.57 31.39 -19.68
N ARG A 112 -26.53 31.31 -18.87
CA ARG A 112 -25.55 32.37 -18.76
C ARG A 112 -24.24 31.90 -19.40
N THR A 113 -23.50 32.83 -19.99
CA THR A 113 -22.36 32.49 -20.84
C THR A 113 -21.04 32.94 -20.22
N ASP A 114 -20.03 32.06 -20.26
CA ASP A 114 -18.69 32.43 -19.82
C ASP A 114 -17.70 31.79 -20.79
N ALA A 115 -17.06 32.62 -21.61
CA ALA A 115 -16.16 32.12 -22.64
C ALA A 115 -14.87 31.53 -22.07
N ARG A 116 -14.61 31.70 -20.76
CA ARG A 116 -13.49 31.01 -20.15
C ARG A 116 -13.73 29.51 -20.10
N LEU A 117 -14.96 29.05 -20.36
CA LEU A 117 -15.30 27.64 -20.44
C LEU A 117 -15.07 27.04 -21.83
N ARG A 118 -14.50 27.81 -22.75
CA ARG A 118 -14.27 27.31 -24.10
C ARG A 118 -13.34 26.09 -24.10
N GLU A 119 -13.45 25.30 -25.16
CA GLU A 119 -12.56 24.15 -25.29
C GLU A 119 -11.11 24.60 -25.44
N VAL A 120 -10.20 23.70 -25.06
N VAL A 120 -10.20 23.70 -25.06
CA VAL A 120 -8.78 23.92 -25.32
CA VAL A 120 -8.78 23.92 -25.31
C VAL A 120 -8.61 24.24 -26.79
C VAL A 120 -8.59 24.23 -26.80
N ARG A 121 -7.68 25.15 -27.09
CA ARG A 121 -7.37 25.45 -28.48
C ARG A 121 -6.73 24.20 -29.11
N THR A 122 -7.11 23.91 -30.36
CA THR A 122 -6.72 22.67 -31.03
C THR A 122 -5.80 22.95 -32.22
N ASN A 123 -5.10 21.90 -32.70
CA ASN A 123 -4.39 21.99 -33.98
C ASN A 123 -5.31 22.49 -35.07
N TRP A 124 -6.54 21.98 -35.11
CA TRP A 124 -7.52 22.43 -36.10
C TRP A 124 -7.70 23.94 -36.05
N ASP A 125 -7.85 24.50 -34.84
CA ASP A 125 -7.98 25.94 -34.72
C ASP A 125 -6.77 26.67 -35.31
N ASP A 126 -5.57 26.08 -35.21
CA ASP A 126 -4.32 26.68 -35.67
C ASP A 126 -3.95 26.32 -37.10
N GLY A 127 -4.80 25.60 -37.83
CA GLY A 127 -4.48 25.31 -39.21
C GLY A 127 -3.48 24.20 -39.42
N ARG A 128 -3.33 23.30 -38.46
CA ARG A 128 -2.50 22.13 -38.62
C ARG A 128 -3.36 20.89 -38.55
N PRO A 129 -3.07 19.86 -39.35
CA PRO A 129 -3.84 18.62 -39.27
C PRO A 129 -3.86 18.13 -37.83
N SER A 130 -5.00 17.57 -37.43
CA SER A 130 -5.05 16.89 -36.15
C SER A 130 -4.08 15.71 -36.16
N GLU A 131 -3.41 15.48 -35.03
CA GLU A 131 -2.39 14.45 -34.96
C GLU A 131 -2.73 13.58 -33.77
N LEU A 132 -2.71 12.28 -33.96
CA LEU A 132 -2.96 11.34 -32.89
C LEU A 132 -1.68 11.17 -32.09
N LYS A 133 -1.66 11.69 -30.82
CA LYS A 133 -0.50 11.54 -29.96
C LYS A 133 -0.57 10.21 -29.21
N PRO A 134 0.59 9.68 -28.85
CA PRO A 134 0.64 8.53 -27.93
C PRO A 134 -0.01 8.90 -26.60
N HIS A 135 -0.44 7.87 -25.87
CA HIS A 135 -1.00 8.12 -24.54
C HIS A 135 0.02 8.86 -23.69
N GLY A 136 -0.48 9.85 -22.95
CA GLY A 136 0.35 10.66 -22.09
C GLY A 136 0.97 11.87 -22.76
N VAL A 137 0.92 11.98 -24.07
CA VAL A 137 1.52 13.11 -24.78
C VAL A 137 0.46 14.18 -24.99
N TYR A 138 0.72 15.39 -24.50
CA TYR A 138 -0.28 16.46 -24.53
C TYR A 138 -0.52 16.87 -25.97
N PRO A 139 -1.76 16.89 -26.45
CA PRO A 139 -1.99 17.06 -27.90
C PRO A 139 -2.46 18.43 -28.34
N PHE A 140 -2.47 19.44 -27.46
CA PHE A 140 -3.07 20.72 -27.84
C PHE A 140 -2.06 21.85 -27.81
N PRO A 141 -2.26 22.87 -28.66
CA PRO A 141 -1.35 24.02 -28.65
C PRO A 141 -1.57 24.97 -27.48
N GLU A 142 -2.72 24.95 -26.82
CA GLU A 142 -2.92 25.77 -25.63
C GLU A 142 -2.43 24.97 -24.43
N PRO A 143 -1.45 25.46 -23.65
CA PRO A 143 -0.86 24.64 -22.61
C PRO A 143 -1.84 24.24 -21.51
N GLU A 144 -1.61 23.06 -20.93
CA GLU A 144 -2.49 22.51 -19.91
C GLU A 144 -2.66 23.48 -18.74
N LYS A 145 -1.56 24.07 -18.29
CA LYS A 145 -1.63 24.96 -17.13
C LYS A 145 -2.55 26.15 -17.40
N GLU A 146 -2.53 26.66 -18.63
CA GLU A 146 -3.40 27.79 -18.96
C GLU A 146 -4.86 27.35 -19.00
N VAL A 147 -5.13 26.16 -19.54
CA VAL A 147 -6.50 25.65 -19.56
C VAL A 147 -7.01 25.46 -18.14
N ALA A 148 -6.18 24.87 -17.28
CA ALA A 148 -6.60 24.60 -15.90
C ALA A 148 -6.90 25.91 -15.18
N GLU A 149 -6.05 26.93 -15.36
CA GLU A 149 -6.25 28.20 -14.69
C GLU A 149 -7.56 28.86 -15.09
N ARG A 150 -7.86 28.92 -16.39
CA ARG A 150 -9.10 29.60 -16.79
C ARG A 150 -10.32 28.77 -16.41
N MET A 151 -10.23 27.44 -16.47
CA MET A 151 -11.36 26.62 -16.04
C MET A 151 -11.62 26.79 -14.55
N ARG A 152 -10.56 26.84 -13.73
CA ARG A 152 -10.77 27.01 -12.29
C ARG A 152 -11.41 28.35 -12.01
N THR A 153 -10.90 29.40 -12.66
CA THR A 153 -11.47 30.74 -12.53
C THR A 153 -12.95 30.74 -12.92
N ALA A 154 -13.28 30.10 -14.03
CA ALA A 154 -14.66 30.09 -14.52
C ALA A 154 -15.59 29.38 -13.54
N VAL A 155 -15.16 28.22 -13.04
CA VAL A 155 -16.00 27.49 -12.11
C VAL A 155 -16.12 28.24 -10.79
N THR A 156 -15.01 28.77 -10.29
CA THR A 156 -15.08 29.60 -9.08
C THR A 156 -16.09 30.72 -9.26
N ALA A 157 -16.10 31.33 -10.44
CA ALA A 157 -17.02 32.44 -10.70
C ALA A 157 -18.48 31.95 -10.75
N ALA A 158 -18.71 30.77 -11.33
CA ALA A 158 -20.06 30.23 -11.41
C ALA A 158 -20.62 29.90 -10.04
N VAL A 159 -19.77 29.33 -9.17
CA VAL A 159 -20.16 29.09 -7.78
C VAL A 159 -20.48 30.40 -7.10
N ALA A 160 -19.57 31.38 -7.20
CA ALA A 160 -19.76 32.65 -6.53
C ALA A 160 -21.01 33.37 -7.03
N ALA A 161 -21.35 33.19 -8.31
CA ALA A 161 -22.50 33.84 -8.93
C ALA A 161 -23.84 33.26 -8.46
N THR A 162 -23.84 32.08 -7.83
CA THR A 162 -25.09 31.39 -7.54
C THR A 162 -25.46 31.62 -6.08
N PRO A 163 -26.53 32.34 -5.79
CA PRO A 163 -26.91 32.53 -4.39
C PRO A 163 -27.26 31.21 -3.74
N PRO A 164 -26.85 31.00 -2.50
CA PRO A 164 -27.19 29.76 -1.82
C PRO A 164 -28.70 29.53 -1.82
N ALA A 165 -29.07 28.30 -2.17
CA ALA A 165 -30.47 27.90 -2.18
C ALA A 165 -30.94 27.61 -0.76
N PRO A 166 -32.21 27.90 -0.45
CA PRO A 166 -32.71 27.68 0.91
C PRO A 166 -33.11 26.24 1.18
N ASP A 167 -33.08 25.35 0.18
CA ASP A 167 -33.39 23.95 0.41
C ASP A 167 -32.20 23.15 -0.07
N GLY A 168 -31.67 22.29 0.80
CA GLY A 168 -30.69 21.32 0.34
C GLY A 168 -29.43 21.95 -0.22
N THR A 169 -28.85 21.24 -1.18
CA THR A 169 -27.54 21.58 -1.71
C THR A 169 -27.68 22.56 -2.86
N THR A 170 -26.94 23.67 -2.79
CA THR A 170 -26.87 24.59 -3.91
C THR A 170 -26.08 23.95 -5.04
N ARG A 171 -26.61 24.03 -6.26
CA ARG A 171 -26.03 23.30 -7.38
C ARG A 171 -26.03 24.18 -8.62
N VAL A 172 -24.87 24.28 -9.28
CA VAL A 172 -24.74 25.01 -10.53
C VAL A 172 -24.31 24.02 -11.62
N ALA A 173 -25.01 24.04 -12.74
CA ALA A 173 -24.63 23.27 -13.91
C ALA A 173 -23.74 24.12 -14.81
N VAL A 174 -22.66 23.51 -15.30
CA VAL A 174 -21.68 24.20 -16.14
C VAL A 174 -21.48 23.31 -17.35
N VAL A 175 -21.91 23.77 -18.53
CA VAL A 175 -21.83 22.99 -19.76
C VAL A 175 -20.60 23.43 -20.53
N GLY A 176 -19.67 22.51 -20.74
CA GLY A 176 -18.43 22.84 -21.41
C GLY A 176 -17.98 21.73 -22.33
N HIS A 177 -16.68 21.51 -22.36
CA HIS A 177 -16.03 20.75 -23.41
C HIS A 177 -15.10 19.72 -22.79
N ASP A 178 -15.13 18.50 -23.32
CA ASP A 178 -14.61 17.36 -22.57
C ASP A 178 -13.11 17.47 -22.25
N SER A 179 -12.30 18.00 -23.15
CA SER A 179 -10.86 18.06 -22.86
C SER A 179 -10.55 19.08 -21.77
N ALA A 180 -11.13 20.28 -21.88
CA ALA A 180 -10.97 21.29 -20.84
C ALA A 180 -11.48 20.78 -19.49
N LEU A 181 -12.60 20.06 -19.50
CA LEU A 181 -13.15 19.53 -18.25
C LEU A 181 -12.22 18.52 -17.59
N VAL A 182 -11.65 17.59 -18.37
CA VAL A 182 -10.82 16.57 -17.73
C VAL A 182 -9.48 17.19 -17.32
N ILE A 183 -9.03 18.23 -18.02
CA ILE A 183 -7.87 19.00 -17.56
C ILE A 183 -8.15 19.63 -16.21
N LEU A 184 -9.31 20.30 -16.07
CA LEU A 184 -9.68 20.88 -14.77
C LEU A 184 -9.67 19.84 -13.66
N MET A 185 -10.33 18.70 -13.88
CA MET A 185 -10.44 17.73 -12.80
C MET A 185 -9.08 17.13 -12.44
N GLY A 186 -8.23 16.87 -13.45
CA GLY A 186 -6.88 16.43 -13.15
C GLY A 186 -6.12 17.45 -12.31
N SER A 187 -6.22 18.73 -12.69
CA SER A 187 -5.52 19.78 -11.96
CA SER A 187 -5.53 19.79 -11.96
C SER A 187 -6.01 19.86 -10.51
N LEU A 188 -7.30 19.63 -10.29
CA LEU A 188 -7.81 19.68 -8.92
C LEU A 188 -7.25 18.56 -8.06
N MET A 189 -6.70 17.51 -8.68
CA MET A 189 -6.05 16.41 -7.98
C MET A 189 -4.54 16.50 -8.06
N ASN A 190 -4.01 17.64 -8.50
CA ASN A 190 -2.55 17.81 -8.67
C ASN A 190 -1.97 16.74 -9.60
N LEU A 191 -2.74 16.38 -10.63
CA LEU A 191 -2.31 15.44 -11.66
C LEU A 191 -2.14 16.16 -12.98
N GLY A 192 -1.21 15.65 -13.80
CA GLY A 192 -0.95 16.19 -15.11
C GLY A 192 -1.63 15.36 -16.20
N TRP A 193 -1.61 15.92 -17.41
CA TRP A 193 -2.29 15.28 -18.54
C TRP A 193 -1.81 13.85 -18.69
N GLY A 194 -2.78 12.94 -18.85
CA GLY A 194 -2.51 11.53 -18.99
C GLY A 194 -2.57 10.74 -17.70
N GLN A 195 -2.50 11.41 -16.55
CA GLN A 195 -2.54 10.63 -15.32
C GLN A 195 -3.96 10.20 -14.99
N LEU A 196 -4.90 11.14 -14.93
CA LEU A 196 -6.32 10.83 -14.92
C LEU A 196 -6.67 10.46 -16.35
N ASP A 197 -6.54 9.18 -16.67
CA ASP A 197 -6.53 8.74 -18.06
C ASP A 197 -7.95 8.35 -18.48
N MET A 198 -8.72 9.37 -18.85
CA MET A 198 -10.12 9.17 -19.20
C MET A 198 -10.51 10.17 -20.28
N ILE A 199 -11.45 9.77 -21.13
CA ILE A 199 -12.18 10.71 -21.97
C ILE A 199 -13.61 10.79 -21.44
N LEU A 200 -14.16 12.00 -21.36
CA LEU A 200 -15.51 12.17 -20.81
C LEU A 200 -16.53 12.04 -21.93
N PRO A 201 -17.52 11.18 -21.80
CA PRO A 201 -18.52 11.02 -22.87
C PRO A 201 -19.32 12.31 -23.05
N LEU A 202 -19.88 12.46 -24.24
CA LEU A 202 -20.75 13.61 -24.51
C LEU A 202 -22.03 13.49 -23.67
N THR A 203 -22.48 14.63 -23.10
CA THR A 203 -23.53 14.75 -22.10
C THR A 203 -23.18 14.07 -20.77
N SER A 204 -21.92 13.68 -20.55
CA SER A 204 -21.59 13.12 -19.24
C SER A 204 -21.64 14.19 -18.15
N VAL A 205 -21.94 13.72 -16.93
CA VAL A 205 -22.01 14.55 -15.74
C VAL A 205 -20.84 14.20 -14.84
N SER A 206 -20.08 15.23 -14.45
CA SER A 206 -19.05 15.10 -13.43
C SER A 206 -19.37 16.11 -12.34
N VAL A 207 -19.09 15.77 -11.08
CA VAL A 207 -19.51 16.60 -9.95
C VAL A 207 -18.29 17.06 -9.17
N LEU A 208 -18.24 18.36 -8.88
CA LEU A 208 -17.33 18.92 -7.87
C LEU A 208 -18.12 19.31 -6.64
N ALA A 209 -17.56 19.02 -5.47
CA ALA A 209 -18.09 19.52 -4.20
C ALA A 209 -17.22 20.67 -3.76
N VAL A 210 -17.86 21.77 -3.34
CA VAL A 210 -17.14 23.02 -3.09
C VAL A 210 -17.55 23.57 -1.73
N LYS A 211 -16.56 23.95 -0.93
CA LYS A 211 -16.83 24.69 0.30
C LYS A 211 -15.64 25.59 0.59
N ASP A 212 -15.89 26.88 0.72
CA ASP A 212 -14.82 27.91 0.78
C ASP A 212 -14.08 27.88 -0.56
N GLU A 213 -12.77 27.96 -0.55
CA GLU A 213 -11.97 27.88 -1.76
C GLU A 213 -11.57 26.46 -2.11
N ARG A 214 -12.15 25.46 -1.45
CA ARG A 214 -11.74 24.08 -1.67
C ARG A 214 -12.71 23.40 -2.62
N MET A 215 -12.17 22.85 -3.71
CA MET A 215 -12.93 22.07 -4.68
C MET A 215 -12.48 20.62 -4.62
N VAL A 216 -13.45 19.72 -4.49
CA VAL A 216 -13.18 18.28 -4.41
C VAL A 216 -13.83 17.63 -5.61
N VAL A 217 -13.11 16.73 -6.28
CA VAL A 217 -13.72 15.97 -7.37
C VAL A 217 -14.56 14.86 -6.77
N ARG A 218 -15.89 14.96 -6.89
CA ARG A 218 -16.83 14.01 -6.31
C ARG A 218 -17.10 12.82 -7.23
N SER A 219 -17.30 13.06 -8.53
CA SER A 219 -17.63 12.02 -9.49
C SER A 219 -17.24 12.47 -10.89
N ILE A 220 -16.96 11.51 -11.78
CA ILE A 220 -16.39 11.83 -13.09
C ILE A 220 -17.06 11.02 -14.21
N GLY A 221 -17.54 11.71 -15.23
CA GLY A 221 -17.76 11.08 -16.52
C GLY A 221 -19.01 10.23 -16.69
N ASP A 222 -20.04 10.42 -15.85
CA ASP A 222 -21.19 9.54 -15.87
C ASP A 222 -22.15 9.94 -17.00
N ALA A 223 -22.39 9.02 -17.93
CA ALA A 223 -23.36 9.19 -19.00
C ALA A 223 -24.35 8.04 -18.99
N THR A 224 -24.67 7.57 -17.78
CA THR A 224 -25.55 6.41 -17.62
C THR A 224 -26.97 6.67 -18.11
N HIS A 225 -27.39 7.93 -18.25
CA HIS A 225 -28.70 8.24 -18.85
C HIS A 225 -28.78 7.79 -20.31
N LEU A 226 -27.66 7.47 -20.94
CA LEU A 226 -27.69 7.00 -22.32
C LEU A 226 -27.82 5.49 -22.42
N ALA A 227 -27.77 4.78 -21.29
CA ALA A 227 -27.66 3.32 -21.34
C ALA A 227 -28.93 2.64 -21.85
N ALA A 228 -30.10 3.24 -21.64
CA ALA A 228 -31.34 2.65 -22.11
C ALA A 228 -31.71 3.05 -23.54
N ALA A 229 -30.97 3.99 -24.13
CA ALA A 229 -31.31 4.54 -25.44
C ALA A 229 -30.95 3.54 -26.54
N PRO A 230 -31.43 3.78 -27.76
CA PRO A 230 -30.95 3.00 -28.91
C PRO A 230 -29.44 3.15 -29.10
N SER A 231 -28.86 2.21 -29.85
CA SER A 231 -27.41 2.16 -30.01
C SER A 231 -26.85 3.32 -30.84
N ASP A 232 -27.65 3.93 -31.71
CA ASP A 232 -27.20 5.11 -32.44
C ASP A 232 -27.25 6.38 -31.60
N VAL A 233 -27.53 6.26 -30.30
CA VAL A 233 -27.45 7.39 -29.37
C VAL A 233 -26.10 7.43 -28.66
N ILE A 234 -25.22 6.46 -28.90
CA ILE A 234 -23.83 6.55 -28.45
C ILE A 234 -22.87 5.90 -29.45
N MET B 13 -15.56 20.31 -46.01
CA MET B 13 -15.09 19.24 -46.90
C MET B 13 -13.62 18.92 -46.65
N SER B 14 -12.70 19.62 -47.31
CA SER B 14 -11.27 19.45 -47.01
C SER B 14 -10.75 20.65 -46.22
N ASP B 15 -11.32 20.86 -45.04
CA ASP B 15 -11.01 22.02 -44.21
C ASP B 15 -10.52 21.65 -42.83
N GLY B 16 -10.02 20.44 -42.65
CA GLY B 16 -9.56 19.96 -41.37
C GLY B 16 -10.59 19.12 -40.62
N ARG B 17 -11.84 19.10 -41.07
CA ARG B 17 -12.82 18.34 -40.29
C ARG B 17 -12.61 16.84 -40.42
N GLU B 18 -12.10 16.37 -41.58
CA GLU B 18 -11.86 14.93 -41.74
C GLU B 18 -10.77 14.45 -40.80
N SER B 19 -9.65 15.18 -40.75
CA SER B 19 -8.57 14.86 -39.83
C SER B 19 -9.05 14.88 -38.40
N PHE B 20 -9.83 15.90 -38.04
CA PHE B 20 -10.34 16.01 -36.67
C PHE B 20 -11.18 14.79 -36.31
N LEU B 21 -12.10 14.38 -37.19
CA LEU B 21 -12.98 13.26 -36.86
C LEU B 21 -12.23 11.93 -36.83
N GLU B 22 -11.29 11.70 -37.74
CA GLU B 22 -10.55 10.44 -37.76
C GLU B 22 -9.71 10.30 -36.50
N VAL B 23 -9.06 11.39 -36.08
CA VAL B 23 -8.26 11.33 -34.87
C VAL B 23 -9.15 11.11 -33.66
N MET B 24 -10.28 11.83 -33.59
CA MET B 24 -11.21 11.61 -32.50
C MET B 24 -11.65 10.16 -32.46
N ARG B 25 -11.94 9.57 -33.63
CA ARG B 25 -12.34 8.16 -33.63
C ARG B 25 -11.23 7.28 -33.07
N SER B 26 -9.98 7.57 -33.45
CA SER B 26 -8.85 6.80 -32.92
C SER B 26 -8.72 6.94 -31.42
N VAL B 27 -8.94 8.14 -30.89
CA VAL B 27 -8.89 8.35 -29.44
C VAL B 27 -10.02 7.58 -28.76
N TYR B 28 -11.22 7.70 -29.30
CA TYR B 28 -12.34 6.94 -28.71
C TYR B 28 -12.04 5.45 -28.65
N GLU B 29 -11.42 4.89 -29.71
CA GLU B 29 -11.18 3.45 -29.75
C GLU B 29 -10.21 3.01 -28.66
N ARG B 30 -9.27 3.87 -28.28
CA ARG B 30 -8.35 3.54 -27.19
C ARG B 30 -9.09 3.33 -25.89
N TYR B 31 -10.21 4.00 -25.73
CA TYR B 31 -11.01 3.89 -24.52
C TYR B 31 -12.21 2.97 -24.74
N LEU B 32 -12.14 2.12 -25.78
CA LEU B 32 -13.17 1.12 -26.06
C LEU B 32 -14.51 1.74 -26.41
N VAL B 33 -14.51 2.94 -26.98
CA VAL B 33 -15.72 3.57 -27.52
C VAL B 33 -15.73 3.37 -29.03
N GLY B 34 -16.86 2.91 -29.56
CA GLY B 34 -16.93 2.59 -30.98
C GLY B 34 -16.25 1.29 -31.35
N VAL B 35 -16.17 0.35 -30.42
CA VAL B 35 -15.45 -0.91 -30.59
C VAL B 35 -16.44 -2.04 -30.36
N PRO B 36 -16.57 -2.99 -31.27
CA PRO B 36 -17.47 -4.12 -31.03
C PRO B 36 -16.93 -5.05 -29.95
N GLY B 37 -17.86 -5.80 -29.36
CA GLY B 37 -17.48 -6.81 -28.39
C GLY B 37 -17.15 -6.28 -27.01
N VAL B 38 -17.54 -5.05 -26.69
CA VAL B 38 -17.25 -4.43 -25.41
C VAL B 38 -18.41 -4.69 -24.46
N SER B 39 -18.08 -5.13 -23.24
CA SER B 39 -19.04 -5.27 -22.15
C SER B 39 -18.84 -4.12 -21.17
N GLU B 40 -19.89 -3.79 -20.44
CA GLU B 40 -19.79 -2.80 -19.36
C GLU B 40 -19.95 -3.50 -18.01
N VAL B 41 -19.14 -3.08 -17.04
CA VAL B 41 -19.25 -3.49 -15.65
C VAL B 41 -19.62 -2.26 -14.84
N TRP B 42 -20.77 -2.30 -14.18
CA TRP B 42 -21.21 -1.16 -13.37
C TRP B 42 -20.85 -1.48 -11.93
N LEU B 43 -19.76 -0.88 -11.46
CA LEU B 43 -19.29 -1.09 -10.10
C LEU B 43 -20.10 -0.23 -9.13
N ILE B 44 -20.65 -0.85 -8.11
CA ILE B 44 -21.57 -0.20 -7.17
C ILE B 44 -20.98 -0.34 -5.77
N ALA B 45 -20.74 0.77 -5.10
CA ALA B 45 -20.40 0.69 -3.67
C ALA B 45 -21.67 0.38 -2.87
N HIS B 46 -21.56 -0.53 -1.90
CA HIS B 46 -22.74 -0.91 -1.14
C HIS B 46 -23.34 0.29 -0.41
N ALA B 47 -24.58 0.13 0.05
CA ALA B 47 -25.30 1.21 0.73
C ALA B 47 -24.91 1.27 2.22
N ASP B 48 -25.40 2.30 2.91
CA ASP B 48 -24.98 2.53 4.29
C ASP B 48 -25.33 1.38 5.22
N SER B 49 -24.33 0.98 6.02
CA SER B 49 -24.50 0.01 7.09
C SER B 49 -23.87 0.49 8.38
N TYR B 50 -23.47 1.76 8.46
CA TYR B 50 -22.74 2.27 9.61
C TYR B 50 -23.53 3.19 10.50
N THR B 51 -24.64 3.76 10.03
CA THR B 51 -25.47 4.57 10.91
C THR B 51 -26.08 3.65 11.95
N GLY B 52 -25.81 3.94 13.22
CA GLY B 52 -26.25 3.11 14.31
C GLY B 52 -25.33 1.96 14.67
N LEU B 53 -24.16 1.86 14.05
CA LEU B 53 -23.27 0.72 14.34
C LEU B 53 -22.82 0.72 15.78
N GLU B 54 -22.74 1.89 16.41
CA GLU B 54 -22.26 1.94 17.79
C GLU B 54 -23.15 1.12 18.72
N ASP B 55 -24.43 0.93 18.39
CA ASP B 55 -25.36 0.20 19.26
C ASP B 55 -25.80 -1.16 18.68
N TYR B 56 -25.16 -1.62 17.62
CA TYR B 56 -25.61 -2.82 16.90
C TYR B 56 -25.17 -4.06 17.66
N ASP B 57 -26.07 -5.04 17.76
CA ASP B 57 -25.78 -6.28 18.49
C ASP B 57 -25.47 -7.46 17.59
N GLY B 58 -25.59 -7.29 16.27
CA GLY B 58 -25.11 -8.27 15.32
C GLY B 58 -23.59 -8.22 15.17
N ASP B 59 -23.10 -8.89 14.14
CA ASP B 59 -21.68 -8.90 13.86
C ASP B 59 -21.31 -7.52 13.34
N PRO B 60 -20.56 -6.71 14.09
CA PRO B 60 -20.33 -5.31 13.67
C PRO B 60 -19.40 -5.19 12.49
N ARG B 61 -18.65 -6.24 12.15
CA ARG B 61 -17.82 -6.25 10.96
C ARG B 61 -18.55 -6.77 9.74
N ASP B 62 -19.76 -7.30 9.89
CA ASP B 62 -20.58 -7.73 8.77
C ASP B 62 -22.03 -7.31 9.04
N PRO B 63 -22.28 -6.00 9.16
CA PRO B 63 -23.63 -5.53 9.47
C PRO B 63 -24.57 -5.56 8.27
N ALA B 64 -25.86 -5.67 8.58
CA ALA B 64 -26.88 -5.42 7.57
C ALA B 64 -26.96 -3.94 7.27
N LEU B 65 -27.70 -3.60 6.21
CA LEU B 65 -27.92 -2.20 5.90
C LEU B 65 -28.65 -1.50 7.05
N SER B 66 -28.35 -0.22 7.24
CA SER B 66 -29.13 0.60 8.16
C SER B 66 -30.41 1.05 7.47
N GLU B 67 -31.27 1.72 8.24
CA GLU B 67 -32.47 2.30 7.66
C GLU B 67 -32.10 3.26 6.52
N LYS B 68 -31.10 4.11 6.76
CA LYS B 68 -30.61 5.01 5.73
C LYS B 68 -30.11 4.23 4.52
N GLY B 69 -29.39 3.13 4.75
CA GLY B 69 -28.89 2.33 3.64
C GLY B 69 -30.01 1.69 2.83
N ARG B 70 -31.07 1.21 3.50
CA ARG B 70 -32.19 0.68 2.75
C ARG B 70 -32.80 1.74 1.84
N ALA B 71 -32.90 2.97 2.35
CA ALA B 71 -33.42 4.06 1.53
C ALA B 71 -32.50 4.38 0.35
N GLN B 72 -31.18 4.40 0.58
CA GLN B 72 -30.24 4.62 -0.53
C GLN B 72 -30.36 3.52 -1.57
N ALA B 73 -30.45 2.27 -1.12
CA ALA B 73 -30.53 1.15 -2.05
C ALA B 73 -31.81 1.21 -2.86
N ARG B 74 -32.90 1.70 -2.26
CA ARG B 74 -34.15 1.82 -3.00
C ARG B 74 -34.02 2.86 -4.11
N LEU B 75 -33.38 4.00 -3.81
CA LEU B 75 -33.12 4.99 -4.85
C LEU B 75 -32.20 4.44 -5.93
N LEU B 76 -31.15 3.72 -5.55
CA LEU B 76 -30.28 3.11 -6.54
C LEU B 76 -31.03 2.13 -7.43
N ALA B 77 -31.87 1.28 -6.82
CA ALA B 77 -32.56 0.27 -7.60
C ALA B 77 -33.53 0.88 -8.60
N ALA B 78 -34.19 1.98 -8.20
CA ALA B 78 -35.06 2.69 -9.14
C ALA B 78 -34.25 3.30 -10.28
N ARG B 79 -33.09 3.88 -9.97
CA ARG B 79 -32.26 4.47 -11.01
C ARG B 79 -31.87 3.44 -12.04
N LEU B 80 -31.57 2.23 -11.59
CA LEU B 80 -31.06 1.19 -12.48
C LEU B 80 -32.16 0.31 -13.08
N ALA B 81 -33.42 0.52 -12.70
CA ALA B 81 -34.50 -0.34 -13.18
C ALA B 81 -34.59 -0.32 -14.71
N GLY B 82 -34.39 0.84 -15.33
CA GLY B 82 -34.50 0.96 -16.77
C GLY B 82 -33.27 0.59 -17.56
N VAL B 83 -32.17 0.25 -16.89
CA VAL B 83 -30.90 -0.05 -17.55
C VAL B 83 -30.86 -1.55 -17.84
N PRO B 84 -30.67 -1.98 -19.08
CA PRO B 84 -30.54 -3.42 -19.33
C PRO B 84 -29.35 -3.99 -18.57
N LEU B 85 -29.61 -4.99 -17.74
CA LEU B 85 -28.58 -5.65 -16.96
C LEU B 85 -28.68 -7.15 -17.20
N HIS B 86 -27.52 -7.81 -17.30
CA HIS B 86 -27.48 -9.22 -17.63
C HIS B 86 -26.89 -10.07 -16.52
N GLY B 87 -26.41 -9.45 -15.45
CA GLY B 87 -25.92 -10.17 -14.28
C GLY B 87 -25.74 -9.19 -13.14
N VAL B 88 -25.90 -9.66 -11.90
CA VAL B 88 -25.61 -8.87 -10.71
C VAL B 88 -24.76 -9.74 -9.79
N TRP B 89 -23.60 -9.22 -9.39
CA TRP B 89 -22.64 -9.88 -8.52
C TRP B 89 -22.44 -9.07 -7.25
N ALA B 90 -22.05 -9.76 -6.18
CA ALA B 90 -21.79 -9.10 -4.90
C ALA B 90 -20.69 -9.84 -4.16
N SER B 91 -20.04 -9.13 -3.24
CA SER B 91 -19.22 -9.83 -2.26
C SER B 91 -20.10 -10.66 -1.33
N GLY B 92 -19.46 -11.44 -0.48
CA GLY B 92 -20.23 -12.21 0.49
C GLY B 92 -20.77 -11.42 1.67
N ALA B 93 -20.44 -10.14 1.76
CA ALA B 93 -20.85 -9.35 2.92
C ALA B 93 -22.35 -9.04 2.84
N HIS B 94 -23.00 -9.04 4.01
CA HIS B 94 -24.43 -8.76 4.05
C HIS B 94 -24.76 -7.43 3.39
N ARG B 95 -23.95 -6.40 3.66
CA ARG B 95 -24.26 -5.07 3.14
C ARG B 95 -24.17 -5.02 1.62
N ALA B 96 -23.22 -5.77 1.04
CA ALA B 96 -23.15 -5.87 -0.42
C ALA B 96 -24.29 -6.72 -0.97
N GLN B 97 -24.52 -7.90 -0.38
N GLN B 97 -24.55 -7.88 -0.36
CA GLN B 97 -25.61 -8.75 -0.83
CA GLN B 97 -25.62 -8.74 -0.88
C GLN B 97 -26.95 -8.02 -0.83
C GLN B 97 -26.98 -8.05 -0.80
N GLN B 98 -27.22 -7.28 0.25
CA GLN B 98 -28.52 -6.64 0.41
C GLN B 98 -28.69 -5.52 -0.62
N THR B 99 -27.61 -4.78 -0.89
CA THR B 99 -27.64 -3.77 -1.95
C THR B 99 -27.86 -4.41 -3.31
N ALA B 100 -27.10 -5.47 -3.59
CA ALA B 100 -27.24 -6.17 -4.87
C ALA B 100 -28.65 -6.72 -5.05
N SER B 101 -29.23 -7.26 -3.98
CA SER B 101 -30.58 -7.81 -4.06
C SER B 101 -31.58 -6.74 -4.46
N ALA B 102 -31.47 -5.54 -3.88
CA ALA B 102 -32.36 -4.45 -4.27
C ALA B 102 -32.24 -4.15 -5.76
N VAL B 103 -31.02 -4.13 -6.27
CA VAL B 103 -30.83 -3.87 -7.70
C VAL B 103 -31.41 -5.01 -8.54
N ALA B 104 -31.03 -6.25 -8.21
CA ALA B 104 -31.37 -7.39 -9.05
C ALA B 104 -32.88 -7.63 -9.12
N ALA B 105 -33.61 -7.27 -8.05
CA ALA B 105 -35.05 -7.53 -7.99
C ALA B 105 -35.82 -6.79 -9.06
N GLU B 106 -35.22 -5.78 -9.69
CA GLU B 106 -35.88 -5.00 -10.73
C GLU B 106 -35.63 -5.57 -12.11
N HIS B 107 -34.85 -6.65 -12.20
CA HIS B 107 -34.40 -7.17 -13.49
C HIS B 107 -34.64 -8.66 -13.70
N GLY B 108 -35.25 -9.35 -12.74
CA GLY B 108 -35.38 -10.78 -12.86
C GLY B 108 -34.08 -11.53 -12.77
N LEU B 109 -33.11 -10.99 -12.05
CA LEU B 109 -31.79 -11.59 -11.93
C LEU B 109 -31.55 -12.08 -10.51
N ARG B 110 -30.74 -13.12 -10.39
CA ARG B 110 -30.29 -13.66 -9.11
C ARG B 110 -28.92 -13.10 -8.78
N VAL B 111 -28.74 -12.70 -7.53
CA VAL B 111 -27.44 -12.20 -7.09
C VAL B 111 -26.47 -13.36 -7.05
N ARG B 112 -25.36 -13.22 -7.77
CA ARG B 112 -24.26 -14.18 -7.75
C ARG B 112 -23.17 -13.64 -6.84
N THR B 113 -22.56 -14.52 -6.06
CA THR B 113 -21.60 -14.10 -5.04
C THR B 113 -20.17 -14.49 -5.43
N ASP B 114 -19.24 -13.57 -5.23
CA ASP B 114 -17.81 -13.85 -5.35
C ASP B 114 -17.08 -13.24 -4.15
N ALA B 115 -16.61 -14.11 -3.25
CA ALA B 115 -15.96 -13.64 -2.04
C ALA B 115 -14.75 -12.76 -2.32
N ARG B 116 -14.12 -12.90 -3.50
CA ARG B 116 -12.97 -12.10 -3.87
C ARG B 116 -13.32 -10.61 -4.00
N LEU B 117 -14.60 -10.27 -4.07
CA LEU B 117 -15.04 -8.87 -4.10
C LEU B 117 -15.04 -8.21 -2.74
N ARG B 118 -14.54 -8.88 -1.71
N ARG B 118 -14.53 -8.87 -1.71
CA ARG B 118 -14.54 -8.36 -0.35
CA ARG B 118 -14.55 -8.35 -0.35
C ARG B 118 -13.76 -7.05 -0.24
C ARG B 118 -13.73 -7.07 -0.24
N GLU B 119 -14.08 -6.27 0.78
CA GLU B 119 -13.32 -5.06 1.07
C GLU B 119 -11.87 -5.40 1.42
N VAL B 120 -10.99 -4.43 1.19
CA VAL B 120 -9.64 -4.50 1.72
C VAL B 120 -9.68 -4.83 3.20
N ARG B 121 -8.76 -5.71 3.63
CA ARG B 121 -8.66 -6.01 5.05
C ARG B 121 -8.23 -4.75 5.79
N THR B 122 -8.91 -4.45 6.88
CA THR B 122 -8.70 -3.23 7.66
C THR B 122 -8.09 -3.57 9.01
N ASN B 123 -7.57 -2.54 9.69
CA ASN B 123 -7.15 -2.72 11.08
C ASN B 123 -8.29 -3.29 11.91
N TRP B 124 -9.48 -2.72 11.74
CA TRP B 124 -10.72 -3.17 12.39
C TRP B 124 -10.92 -4.68 12.23
N ASP B 125 -10.78 -5.18 10.99
CA ASP B 125 -10.92 -6.62 10.77
C ASP B 125 -9.95 -7.41 11.62
N ASP B 126 -8.73 -6.91 11.78
CA ASP B 126 -7.71 -7.60 12.56
C ASP B 126 -7.88 -7.40 14.06
N GLY B 127 -8.92 -6.70 14.49
CA GLY B 127 -9.10 -6.44 15.91
C GLY B 127 -8.15 -5.41 16.48
N ARG B 128 -7.63 -4.52 15.66
CA ARG B 128 -6.79 -3.42 16.12
C ARG B 128 -7.54 -2.10 16.05
N PRO B 129 -7.14 -1.10 16.83
CA PRO B 129 -7.76 0.23 16.70
C PRO B 129 -7.47 0.84 15.34
N SER B 130 -8.41 1.63 14.85
CA SER B 130 -8.24 2.34 13.59
C SER B 130 -7.50 3.66 13.84
N GLU B 131 -6.80 4.11 12.80
CA GLU B 131 -5.98 5.30 12.86
C GLU B 131 -6.20 6.08 11.58
N LEU B 132 -6.27 7.40 11.69
CA LEU B 132 -6.43 8.29 10.55
C LEU B 132 -5.03 8.63 10.01
N LYS B 133 -4.75 8.18 8.80
CA LYS B 133 -3.46 8.40 8.15
C LYS B 133 -3.47 9.71 7.37
N PRO B 134 -2.29 10.29 7.17
CA PRO B 134 -2.21 11.49 6.32
C PRO B 134 -2.58 11.14 4.89
N HIS B 135 -2.97 12.16 4.11
CA HIS B 135 -3.30 11.90 2.72
C HIS B 135 -2.12 11.23 2.03
N GLY B 136 -2.43 10.24 1.19
CA GLY B 136 -1.46 9.52 0.41
C GLY B 136 -0.76 8.39 1.12
N VAL B 137 -1.05 8.17 2.40
CA VAL B 137 -0.44 7.10 3.18
C VAL B 137 -1.40 5.92 3.20
N TYR B 138 -0.95 4.79 2.67
CA TYR B 138 -1.84 3.64 2.54
C TYR B 138 -2.23 3.14 3.92
N PRO B 139 -3.52 3.03 4.23
CA PRO B 139 -3.94 2.81 5.62
C PRO B 139 -4.35 1.38 5.97
N PHE B 140 -4.13 0.41 5.09
CA PHE B 140 -4.70 -0.92 5.32
C PHE B 140 -3.61 -1.98 5.41
N PRO B 141 -3.85 -3.04 6.17
CA PRO B 141 -2.85 -4.12 6.25
C PRO B 141 -2.78 -5.03 5.04
N GLU B 142 -3.82 -5.10 4.21
CA GLU B 142 -3.72 -5.88 2.98
C GLU B 142 -3.10 -5.01 1.90
N PRO B 143 -2.02 -5.45 1.25
CA PRO B 143 -1.30 -4.58 0.31
C PRO B 143 -2.14 -4.18 -0.90
N GLU B 144 -1.88 -2.96 -1.39
CA GLU B 144 -2.68 -2.40 -2.49
C GLU B 144 -2.63 -3.29 -3.74
N LYS B 145 -1.46 -3.82 -4.09
CA LYS B 145 -1.39 -4.63 -5.32
C LYS B 145 -2.19 -5.91 -5.20
N GLU B 146 -2.26 -6.50 -4.00
CA GLU B 146 -3.10 -7.68 -3.81
C GLU B 146 -4.58 -7.35 -3.94
N VAL B 147 -5.02 -6.22 -3.35
CA VAL B 147 -6.41 -5.80 -3.53
C VAL B 147 -6.70 -5.59 -5.01
N ALA B 148 -5.82 -4.87 -5.69
CA ALA B 148 -6.07 -4.55 -7.10
C ALA B 148 -6.19 -5.81 -7.93
N GLU B 149 -5.32 -6.81 -7.66
CA GLU B 149 -5.37 -8.03 -8.46
C GLU B 149 -6.60 -8.87 -8.16
N ARG B 150 -7.02 -8.94 -6.90
CA ARG B 150 -8.22 -9.73 -6.69
C ARG B 150 -9.47 -9.04 -7.23
N MET B 151 -9.53 -7.71 -7.22
CA MET B 151 -10.64 -7.01 -7.87
C MET B 151 -10.61 -7.19 -9.38
N ARG B 152 -9.43 -7.12 -9.99
CA ARG B 152 -9.34 -7.24 -11.44
C ARG B 152 -9.81 -8.62 -11.90
N THR B 153 -9.32 -9.68 -11.23
CA THR B 153 -9.72 -11.04 -11.59
C THR B 153 -11.18 -11.31 -11.25
N ALA B 154 -11.70 -10.73 -10.16
CA ALA B 154 -13.11 -10.92 -9.87
C ALA B 154 -13.99 -10.30 -10.95
N VAL B 155 -13.61 -9.12 -11.44
CA VAL B 155 -14.40 -8.45 -12.46
C VAL B 155 -14.35 -9.22 -13.78
N THR B 156 -13.15 -9.59 -14.24
CA THR B 156 -13.09 -10.31 -15.51
C THR B 156 -13.73 -11.68 -15.40
N ALA B 157 -13.67 -12.30 -14.22
CA ALA B 157 -14.36 -13.57 -14.05
C ALA B 157 -15.88 -13.40 -14.08
N ALA B 158 -16.41 -12.27 -13.58
CA ALA B 158 -17.86 -12.07 -13.63
C ALA B 158 -18.32 -11.87 -15.07
N VAL B 159 -17.51 -11.18 -15.88
CA VAL B 159 -17.85 -11.04 -17.30
C VAL B 159 -17.81 -12.40 -17.98
N ALA B 160 -16.78 -13.20 -17.69
CA ALA B 160 -16.67 -14.52 -18.33
C ALA B 160 -17.81 -15.46 -17.93
N ALA B 161 -18.45 -15.24 -16.78
CA ALA B 161 -19.57 -16.04 -16.36
C ALA B 161 -20.92 -15.47 -16.82
N THR B 162 -20.90 -14.41 -17.63
CA THR B 162 -22.10 -13.78 -18.14
C THR B 162 -22.21 -14.02 -19.65
N PRO B 163 -23.24 -14.70 -20.13
CA PRO B 163 -23.39 -14.92 -21.57
C PRO B 163 -23.55 -13.59 -22.29
N PRO B 164 -22.89 -13.41 -23.42
CA PRO B 164 -23.04 -12.15 -24.17
C PRO B 164 -24.51 -11.87 -24.46
N ALA B 165 -24.94 -10.64 -24.18
CA ALA B 165 -26.33 -10.28 -24.41
C ALA B 165 -26.61 -10.28 -25.91
N PRO B 166 -27.79 -10.73 -26.34
CA PRO B 166 -28.06 -10.81 -27.77
C PRO B 166 -28.27 -9.47 -28.43
N ASP B 167 -28.78 -8.48 -27.70
CA ASP B 167 -29.04 -7.15 -28.25
C ASP B 167 -28.15 -6.15 -27.53
N GLY B 168 -27.20 -5.58 -28.24
CA GLY B 168 -26.45 -4.50 -27.67
C GLY B 168 -25.51 -4.93 -26.56
N THR B 169 -25.22 -3.99 -25.67
CA THR B 169 -24.09 -4.11 -24.77
C THR B 169 -24.42 -5.01 -23.59
N THR B 170 -23.57 -5.98 -23.35
CA THR B 170 -23.69 -6.81 -22.15
C THR B 170 -23.29 -5.95 -20.96
N ARG B 171 -24.10 -5.99 -19.90
CA ARG B 171 -23.86 -5.13 -18.77
C ARG B 171 -23.99 -5.96 -17.50
N VAL B 172 -22.98 -5.91 -16.65
CA VAL B 172 -22.97 -6.66 -15.40
CA VAL B 172 -22.94 -6.66 -15.40
C VAL B 172 -22.79 -5.67 -14.25
N ALA B 173 -23.68 -5.76 -13.26
CA ALA B 173 -23.53 -4.92 -12.09
C ALA B 173 -22.77 -5.72 -11.05
N VAL B 174 -21.82 -5.05 -10.39
CA VAL B 174 -20.96 -5.70 -9.40
C VAL B 174 -20.98 -4.83 -8.15
N VAL B 175 -21.55 -5.35 -7.06
CA VAL B 175 -21.64 -4.60 -5.82
C VAL B 175 -20.50 -4.97 -4.90
N GLY B 176 -19.70 -3.98 -4.56
CA GLY B 176 -18.54 -4.17 -3.75
C GLY B 176 -18.38 -3.10 -2.69
N HIS B 177 -17.13 -2.78 -2.42
CA HIS B 177 -16.77 -2.01 -1.24
C HIS B 177 -15.87 -0.85 -1.68
N ASP B 178 -16.09 0.32 -1.06
CA ASP B 178 -15.59 1.55 -1.67
C ASP B 178 -14.07 1.61 -1.76
N SER B 179 -13.34 1.08 -0.76
CA SER B 179 -11.89 1.21 -0.83
C SER B 179 -11.31 0.27 -1.89
N ALA B 180 -11.80 -0.98 -1.91
CA ALA B 180 -11.30 -1.91 -2.91
C ALA B 180 -11.69 -1.47 -4.31
N LEU B 181 -12.85 -0.82 -4.47
CA LEU B 181 -13.23 -0.37 -5.80
C LEU B 181 -12.34 0.78 -6.29
N VAL B 182 -11.99 1.72 -5.41
CA VAL B 182 -11.19 2.85 -5.89
C VAL B 182 -9.74 2.41 -6.08
N ILE B 183 -9.30 1.37 -5.36
CA ILE B 183 -7.99 0.79 -5.62
C ILE B 183 -7.97 0.16 -7.00
N LEU B 184 -9.03 -0.57 -7.37
CA LEU B 184 -9.11 -1.16 -8.70
C LEU B 184 -9.02 -0.10 -9.77
N MET B 185 -9.86 0.93 -9.65
CA MET B 185 -9.87 1.97 -10.66
C MET B 185 -8.55 2.72 -10.77
N GLY B 186 -7.91 3.04 -9.65
CA GLY B 186 -6.59 3.63 -9.72
C GLY B 186 -5.59 2.71 -10.40
N SER B 187 -5.58 1.44 -10.02
N SER B 187 -5.59 1.44 -10.01
CA SER B 187 -4.63 0.52 -10.60
CA SER B 187 -4.65 0.48 -10.60
C SER B 187 -4.83 0.37 -12.10
C SER B 187 -4.84 0.38 -12.10
N LEU B 188 -6.08 0.49 -12.58
CA LEU B 188 -6.34 0.41 -14.01
C LEU B 188 -5.76 1.60 -14.76
N MET B 189 -5.53 2.72 -14.07
CA MET B 189 -4.89 3.89 -14.65
C MET B 189 -3.42 3.98 -14.28
N ASN B 190 -2.85 2.89 -13.76
CA ASN B 190 -1.46 2.83 -13.31
C ASN B 190 -1.16 3.91 -12.27
N LEU B 191 -2.13 4.21 -11.41
CA LEU B 191 -1.96 5.15 -10.31
C LEU B 191 -1.94 4.41 -8.98
N GLY B 192 -1.14 4.91 -8.03
CA GLY B 192 -1.10 4.34 -6.70
C GLY B 192 -2.05 5.04 -5.74
N TRP B 193 -2.16 4.48 -4.54
CA TRP B 193 -3.08 5.01 -3.54
C TRP B 193 -2.80 6.49 -3.32
N GLY B 194 -3.86 7.29 -3.34
CA GLY B 194 -3.77 8.72 -3.13
C GLY B 194 -3.76 9.52 -4.41
N GLN B 195 -3.29 8.96 -5.51
CA GLN B 195 -3.20 9.75 -6.74
C GLN B 195 -4.57 10.02 -7.32
N LEU B 196 -5.36 8.97 -7.55
CA LEU B 196 -6.77 9.15 -7.83
C LEU B 196 -7.42 9.49 -6.50
N ASP B 197 -7.46 10.78 -6.18
CA ASP B 197 -7.71 11.23 -4.83
C ASP B 197 -9.21 11.47 -4.64
N MET B 198 -9.93 10.36 -4.44
CA MET B 198 -11.39 10.37 -4.33
C MET B 198 -11.81 9.28 -3.36
N ILE B 199 -12.96 9.51 -2.72
CA ILE B 199 -13.70 8.47 -2.04
C ILE B 199 -14.99 8.23 -2.82
N LEU B 200 -15.39 6.97 -2.92
CA LEU B 200 -16.60 6.64 -3.66
C LEU B 200 -17.78 6.67 -2.69
N PRO B 201 -18.80 7.49 -2.92
CA PRO B 201 -19.97 7.49 -2.04
C PRO B 201 -20.68 6.15 -2.01
N LEU B 202 -21.37 5.90 -0.90
CA LEU B 202 -22.20 4.70 -0.80
C LEU B 202 -23.31 4.75 -1.84
N THR B 203 -23.53 3.60 -2.50
CA THR B 203 -24.41 3.42 -3.65
C THR B 203 -23.96 4.15 -4.91
N SER B 204 -22.74 4.65 -4.95
CA SER B 204 -22.25 5.24 -6.19
C SER B 204 -22.01 4.18 -7.26
N VAL B 205 -22.15 4.62 -8.51
CA VAL B 205 -21.97 3.83 -9.71
C VAL B 205 -20.72 4.31 -10.42
N SER B 206 -19.85 3.36 -10.81
CA SER B 206 -18.66 3.61 -11.60
C SER B 206 -18.67 2.59 -12.72
N VAL B 207 -18.39 3.00 -13.95
CA VAL B 207 -18.53 2.13 -15.11
C VAL B 207 -17.15 1.79 -15.65
N LEU B 208 -16.92 0.50 -15.91
CA LEU B 208 -15.77 0.03 -16.67
C LEU B 208 -16.26 -0.50 -18.02
N ALA B 209 -15.41 -0.34 -19.03
CA ALA B 209 -15.60 -0.99 -20.31
C ALA B 209 -14.58 -2.12 -20.41
N VAL B 210 -15.03 -3.31 -20.83
CA VAL B 210 -14.19 -4.49 -20.79
C VAL B 210 -14.24 -5.17 -22.15
N LYS B 211 -13.08 -5.55 -22.67
CA LYS B 211 -13.04 -6.36 -23.87
C LYS B 211 -11.89 -7.34 -23.71
N ASP B 212 -12.23 -8.63 -23.68
CA ASP B 212 -11.28 -9.68 -23.38
C ASP B 212 -10.67 -9.31 -22.02
N GLU B 213 -9.36 -9.23 -21.88
CA GLU B 213 -8.79 -9.03 -20.57
C GLU B 213 -8.52 -7.56 -20.27
N ARG B 214 -8.84 -6.67 -21.21
CA ARG B 214 -8.57 -5.25 -21.08
C ARG B 214 -9.75 -4.54 -20.41
N MET B 215 -9.44 -3.66 -19.46
CA MET B 215 -10.45 -2.95 -18.70
C MET B 215 -10.13 -1.46 -18.66
N VAL B 216 -11.11 -0.63 -19.01
CA VAL B 216 -10.97 0.82 -19.13
C VAL B 216 -11.93 1.49 -18.16
N VAL B 217 -11.44 2.47 -17.40
CA VAL B 217 -12.31 3.25 -16.51
C VAL B 217 -13.11 4.26 -17.32
N ARG B 218 -14.44 4.14 -17.29
N ARG B 218 -14.44 4.13 -17.31
CA ARG B 218 -15.30 5.04 -18.06
CA ARG B 218 -15.30 5.03 -18.05
C ARG B 218 -15.96 6.11 -17.20
C ARG B 218 -15.92 6.12 -17.19
N SER B 219 -16.33 5.80 -15.96
CA SER B 219 -16.89 6.82 -15.08
C SER B 219 -16.68 6.37 -13.65
N ILE B 220 -16.71 7.33 -12.73
CA ILE B 220 -16.28 7.08 -11.35
C ILE B 220 -17.19 7.79 -10.37
N GLY B 221 -17.78 7.04 -9.44
CA GLY B 221 -18.25 7.59 -8.18
C GLY B 221 -19.57 8.33 -8.18
N ASP B 222 -20.44 8.06 -9.16
CA ASP B 222 -21.66 8.84 -9.35
C ASP B 222 -22.78 8.32 -8.44
N ALA B 223 -23.18 9.15 -7.49
CA ALA B 223 -24.30 8.83 -6.61
C ALA B 223 -25.43 9.83 -6.79
N THR B 224 -25.62 10.28 -8.05
CA THR B 224 -26.56 11.38 -8.31
C THR B 224 -28.02 11.01 -8.10
N HIS B 225 -28.34 9.72 -7.92
CA HIS B 225 -29.69 9.34 -7.52
C HIS B 225 -30.03 9.87 -6.13
N LEU B 226 -29.03 10.30 -5.35
CA LEU B 226 -29.26 10.89 -4.04
C LEU B 226 -29.40 12.40 -4.09
N ALA B 227 -29.30 13.02 -5.27
CA ALA B 227 -29.15 14.48 -5.34
C ALA B 227 -30.36 15.24 -4.79
N ALA B 228 -31.55 14.67 -4.90
CA ALA B 228 -32.75 15.36 -4.43
C ALA B 228 -33.27 14.77 -3.12
N ALA B 229 -32.53 13.85 -2.53
CA ALA B 229 -33.02 13.13 -1.37
C ALA B 229 -32.86 13.97 -0.11
N PRO B 230 -33.66 13.68 0.93
CA PRO B 230 -33.47 14.36 2.21
C PRO B 230 -32.10 14.07 2.79
N SER B 231 -31.67 14.95 3.70
CA SER B 231 -30.32 14.89 4.26
C SER B 231 -30.08 13.65 5.13
N ASP B 232 -31.12 13.07 5.73
CA ASP B 232 -30.91 11.82 6.49
C ASP B 232 -30.77 10.60 5.59
N VAL B 233 -30.78 10.78 4.27
CA VAL B 233 -30.52 9.70 3.34
C VAL B 233 -29.13 9.81 2.70
N ILE B 234 -28.55 11.01 2.66
CA ILE B 234 -27.28 11.23 2.00
C ILE B 234 -26.12 10.58 2.74
N TRP C 1 7.01 -61.14 28.58
CA TRP C 1 7.97 -60.80 27.55
C TRP C 1 7.43 -59.78 26.56
N SER C 2 7.59 -58.51 26.90
CA SER C 2 7.17 -57.42 26.02
C SER C 2 8.25 -57.15 24.98
N HIS C 3 7.96 -56.23 24.07
CA HIS C 3 8.87 -55.80 23.01
C HIS C 3 9.22 -54.34 23.27
N PRO C 4 10.17 -54.06 24.17
CA PRO C 4 10.39 -52.68 24.61
C PRO C 4 10.92 -51.76 23.54
N GLN C 5 11.77 -52.26 22.62
CA GLN C 5 12.24 -51.39 21.55
C GLN C 5 11.09 -51.01 20.62
N PHE C 6 10.28 -51.99 20.21
CA PHE C 6 9.11 -51.68 19.39
C PHE C 6 8.21 -50.64 20.06
N GLU C 7 7.87 -50.87 21.33
CA GLU C 7 6.94 -49.97 22.01
C GLU C 7 7.45 -48.54 22.03
N LYS C 8 8.74 -48.35 22.32
CA LYS C 8 9.30 -47.01 22.41
C LYS C 8 9.27 -46.32 21.05
N ILE C 9 9.70 -47.04 20.01
CA ILE C 9 9.77 -46.47 18.67
C ILE C 9 8.37 -46.22 18.13
N GLU C 10 7.46 -47.19 18.29
CA GLU C 10 6.09 -47.00 17.82
C GLU C 10 5.44 -45.80 18.50
N GLY C 11 5.73 -45.60 19.78
CA GLY C 11 5.26 -44.40 20.46
C GLY C 11 5.75 -43.13 19.78
N ARG C 12 7.07 -43.04 19.64
CA ARG C 12 7.66 -41.89 18.90
CA ARG C 12 7.62 -41.82 18.94
C ARG C 12 7.10 -41.55 17.48
N MET C 13 6.89 -42.66 16.76
CA MET C 13 6.41 -42.57 15.38
C MET C 13 4.92 -42.35 15.29
N SER C 14 4.24 -42.06 16.41
CA SER C 14 2.79 -41.88 16.33
C SER C 14 2.20 -40.94 17.37
N ASP C 15 3.01 -40.14 18.07
CA ASP C 15 2.48 -39.21 19.06
C ASP C 15 2.30 -37.79 18.53
N GLY C 16 2.37 -37.59 17.21
CA GLY C 16 2.16 -36.29 16.60
C GLY C 16 3.42 -35.48 16.34
N ARG C 17 4.56 -35.89 16.87
CA ARG C 17 5.78 -35.15 16.60
C ARG C 17 6.13 -35.15 15.11
N GLU C 18 5.77 -36.21 14.39
CA GLU C 18 6.11 -36.32 12.98
C GLU C 18 5.45 -35.24 12.14
N SER C 19 4.14 -35.08 12.27
CA SER C 19 3.44 -34.06 11.49
C SER C 19 3.87 -32.65 11.90
N PHE C 20 4.16 -32.43 13.19
CA PHE C 20 4.71 -31.15 13.61
C PHE C 20 6.03 -30.84 12.91
N LEU C 21 6.91 -31.83 12.80
CA LEU C 21 8.19 -31.61 12.14
C LEU C 21 8.02 -31.42 10.64
N GLU C 22 7.06 -32.13 10.04
CA GLU C 22 6.76 -31.97 8.62
C GLU C 22 6.28 -30.56 8.30
N VAL C 23 5.36 -30.04 9.11
CA VAL C 23 4.90 -28.67 8.91
C VAL C 23 6.06 -27.69 9.07
N MET C 24 6.85 -27.87 10.13
CA MET C 24 8.00 -27.00 10.38
C MET C 24 8.97 -26.99 9.21
N ARG C 25 9.27 -28.17 8.64
CA ARG C 25 10.18 -28.21 7.49
C ARG C 25 9.60 -27.48 6.30
N SER C 26 8.28 -27.60 6.08
CA SER C 26 7.69 -26.88 4.96
C SER C 26 7.74 -25.38 5.17
N VAL C 27 7.55 -24.93 6.40
CA VAL C 27 7.64 -23.50 6.68
C VAL C 27 9.05 -22.99 6.44
N TYR C 28 10.05 -23.71 6.97
CA TYR C 28 11.43 -23.31 6.77
C TYR C 28 11.79 -23.26 5.29
N GLU C 29 11.30 -24.22 4.50
CA GLU C 29 11.62 -24.22 3.08
C GLU C 29 11.07 -22.99 2.38
N ARG C 30 9.88 -22.52 2.80
CA ARG C 30 9.31 -21.31 2.22
C ARG C 30 10.24 -20.12 2.38
N TYR C 31 11.02 -20.09 3.47
CA TYR C 31 11.93 -18.98 3.71
C TYR C 31 13.38 -19.35 3.43
N LEU C 32 13.59 -20.37 2.59
CA LEU C 32 14.92 -20.75 2.12
C LEU C 32 15.83 -21.22 3.26
N VAL C 33 15.25 -21.84 4.27
CA VAL C 33 16.01 -22.42 5.38
C VAL C 33 16.05 -23.93 5.20
N GLY C 34 17.24 -24.52 5.28
CA GLY C 34 17.38 -25.93 4.97
C GLY C 34 17.16 -26.25 3.51
N VAL C 35 17.51 -25.33 2.63
CA VAL C 35 17.32 -25.45 1.19
C VAL C 35 18.68 -25.40 0.52
N PRO C 36 19.09 -26.44 -0.24
CA PRO C 36 20.36 -26.38 -0.95
C PRO C 36 20.37 -25.26 -1.98
N GLY C 37 21.57 -24.75 -2.27
CA GLY C 37 21.73 -23.81 -3.37
C GLY C 37 21.28 -22.41 -3.06
N VAL C 38 21.17 -22.06 -1.79
CA VAL C 38 20.81 -20.71 -1.37
C VAL C 38 22.08 -19.88 -1.18
N SER C 39 22.09 -18.67 -1.72
CA SER C 39 23.13 -17.68 -1.55
C SER C 39 22.65 -16.60 -0.58
N GLU C 40 23.61 -15.89 0.02
CA GLU C 40 23.28 -14.78 0.91
C GLU C 40 23.81 -13.47 0.34
N VAL C 41 23.01 -12.42 0.50
CA VAL C 41 23.45 -11.06 0.22
C VAL C 41 23.48 -10.34 1.56
N TRP C 42 24.63 -9.78 1.92
CA TRP C 42 24.73 -9.00 3.15
C TRP C 42 24.68 -7.54 2.75
N LEU C 43 23.51 -6.92 2.97
CA LEU C 43 23.28 -5.51 2.64
C LEU C 43 23.82 -4.68 3.79
N ILE C 44 24.72 -3.76 3.47
CA ILE C 44 25.46 -3.01 4.48
C ILE C 44 25.21 -1.55 4.21
N ALA C 45 24.64 -0.84 5.19
CA ALA C 45 24.57 0.61 5.07
C ALA C 45 25.96 1.21 5.28
N HIS C 46 26.30 2.22 4.48
CA HIS C 46 27.63 2.82 4.63
C HIS C 46 27.80 3.44 6.03
N ALA C 47 29.05 3.75 6.37
CA ALA C 47 29.41 4.31 7.65
C ALA C 47 29.17 5.83 7.71
N ASP C 48 29.28 6.38 8.91
CA ASP C 48 28.94 7.79 9.09
C ASP C 48 29.81 8.70 8.24
N SER C 49 29.14 9.62 7.55
CA SER C 49 29.80 10.74 6.91
C SER C 49 29.21 12.06 7.40
N TYR C 50 28.36 12.00 8.42
CA TYR C 50 27.53 13.14 8.78
C TYR C 50 27.99 13.88 10.03
N THR C 51 28.73 13.24 10.93
CA THR C 51 29.27 13.95 12.08
C THR C 51 30.34 14.92 11.60
N GLY C 52 30.17 16.19 11.93
CA GLY C 52 31.08 17.21 11.45
C GLY C 52 30.82 17.68 10.03
N LEU C 53 29.75 17.20 9.39
CA LEU C 53 29.47 17.59 8.01
C LEU C 53 29.22 19.08 7.87
N GLU C 54 28.70 19.73 8.92
CA GLU C 54 28.47 21.17 8.87
C GLU C 54 29.75 21.96 8.63
N ASP C 55 30.92 21.41 8.98
CA ASP C 55 32.20 22.05 8.76
C ASP C 55 33.05 21.38 7.68
N TYR C 56 32.49 20.39 6.98
CA TYR C 56 33.26 19.61 6.01
C TYR C 56 33.59 20.50 4.80
N ASP C 57 34.84 20.45 4.35
CA ASP C 57 35.32 21.35 3.31
C ASP C 57 35.12 20.83 1.89
N GLY C 58 34.78 19.57 1.71
CA GLY C 58 34.57 18.98 0.40
C GLY C 58 33.13 19.04 -0.06
N ASP C 59 32.77 18.09 -0.92
CA ASP C 59 31.43 18.02 -1.50
C ASP C 59 30.51 17.42 -0.45
N PRO C 60 29.58 18.19 0.11
CA PRO C 60 28.76 17.64 1.21
C PRO C 60 27.76 16.61 0.76
N ARG C 61 27.48 16.52 -0.55
CA ARG C 61 26.62 15.48 -1.08
C ARG C 61 27.37 14.17 -1.34
N ASP C 62 28.69 14.22 -1.49
CA ASP C 62 29.50 13.02 -1.71
C ASP C 62 30.73 13.06 -0.81
N PRO C 63 30.53 13.06 0.50
CA PRO C 63 31.64 13.24 1.45
C PRO C 63 32.36 11.93 1.72
N ALA C 64 33.60 12.09 2.20
CA ALA C 64 34.30 10.96 2.75
C ALA C 64 33.72 10.60 4.12
N LEU C 65 34.12 9.45 4.64
CA LEU C 65 33.70 9.12 6.00
C LEU C 65 34.26 10.14 6.98
N SER C 66 33.51 10.36 8.05
CA SER C 66 33.94 11.16 9.19
C SER C 66 34.87 10.32 10.06
N GLU C 67 35.48 10.97 11.07
CA GLU C 67 36.23 10.23 12.08
C GLU C 67 35.37 9.14 12.72
N LYS C 68 34.14 9.48 13.09
CA LYS C 68 33.22 8.48 13.64
C LYS C 68 32.97 7.37 12.63
N GLY C 69 32.77 7.73 11.35
CA GLY C 69 32.50 6.71 10.34
C GLY C 69 33.67 5.78 10.11
N ARG C 70 34.90 6.30 10.16
CA ARG C 70 36.07 5.44 10.05
C ARG C 70 36.11 4.44 11.20
N ALA C 71 35.73 4.87 12.42
CA ALA C 71 35.70 3.94 13.55
C ALA C 71 34.62 2.88 13.38
N GLN C 72 33.43 3.28 12.90
CA GLN C 72 32.37 2.32 12.62
C GLN C 72 32.81 1.31 11.57
N ALA C 73 33.43 1.80 10.48
CA ALA C 73 33.86 0.89 9.41
C ALA C 73 34.90 -0.11 9.91
N ARG C 74 35.78 0.32 10.81
CA ARG C 74 36.75 -0.59 11.40
C ARG C 74 36.05 -1.68 12.21
N LEU C 75 35.04 -1.32 13.01
CA LEU C 75 34.31 -2.32 13.80
C LEU C 75 33.54 -3.27 12.90
N LEU C 76 32.98 -2.75 11.80
CA LEU C 76 32.30 -3.59 10.82
C LEU C 76 33.28 -4.57 10.15
N ALA C 77 34.43 -4.07 9.70
CA ALA C 77 35.42 -4.96 9.08
C ALA C 77 35.85 -6.06 10.05
N ALA C 78 36.03 -5.71 11.33
CA ALA C 78 36.43 -6.72 12.30
C ALA C 78 35.33 -7.77 12.46
N ARG C 79 34.07 -7.34 12.46
CA ARG C 79 32.96 -8.28 12.53
C ARG C 79 32.95 -9.22 11.34
N LEU C 80 33.21 -8.70 10.16
CA LEU C 80 33.13 -9.50 8.94
C LEU C 80 34.41 -10.26 8.63
N ALA C 81 35.48 -10.06 9.41
CA ALA C 81 36.78 -10.63 9.02
C ALA C 81 36.72 -12.15 8.94
N GLY C 82 36.00 -12.78 9.87
CA GLY C 82 35.85 -14.21 9.89
C GLY C 82 34.67 -14.75 9.11
N VAL C 83 33.92 -13.89 8.42
CA VAL C 83 32.79 -14.32 7.62
C VAL C 83 33.25 -14.55 6.19
N PRO C 84 33.00 -15.71 5.59
CA PRO C 84 33.38 -15.91 4.20
C PRO C 84 32.59 -14.95 3.31
N LEU C 85 33.30 -14.27 2.42
CA LEU C 85 32.67 -13.35 1.47
C LEU C 85 33.29 -13.61 0.11
N HIS C 86 32.45 -13.69 -0.92
CA HIS C 86 32.90 -14.06 -2.25
C HIS C 86 32.75 -12.94 -3.27
N GLY C 87 32.25 -11.78 -2.85
CA GLY C 87 32.17 -10.61 -3.69
C GLY C 87 31.86 -9.42 -2.81
N VAL C 88 32.32 -8.23 -3.19
CA VAL C 88 31.99 -6.99 -2.50
C VAL C 88 31.62 -5.96 -3.56
N TRP C 89 30.41 -5.44 -3.48
CA TRP C 89 29.91 -4.42 -4.37
C TRP C 89 29.53 -3.20 -3.54
N ALA C 90 29.60 -2.03 -4.18
CA ALA C 90 29.22 -0.78 -3.53
C ALA C 90 28.65 0.18 -4.57
N SER C 91 27.89 1.17 -4.10
CA SER C 91 27.59 2.29 -4.98
C SER C 91 28.88 3.06 -5.27
N GLY C 92 28.78 4.05 -6.17
CA GLY C 92 29.96 4.86 -6.47
C GLY C 92 30.24 5.98 -5.46
N ALA C 93 29.38 6.16 -4.47
CA ALA C 93 29.57 7.20 -3.47
C ALA C 93 30.82 6.93 -2.65
N HIS C 94 31.59 7.98 -2.38
CA HIS C 94 32.82 7.81 -1.62
C HIS C 94 32.57 7.11 -0.30
N ARG C 95 31.51 7.49 0.41
CA ARG C 95 31.25 6.91 1.72
C ARG C 95 30.96 5.41 1.63
N ALA C 96 30.30 4.98 0.56
CA ALA C 96 30.07 3.55 0.35
C ALA C 96 31.37 2.84 -0.05
N GLN C 97 32.13 3.45 -0.96
CA GLN C 97 33.39 2.84 -1.37
C GLN C 97 34.33 2.68 -0.19
N GLN C 98 34.40 3.70 0.66
CA GLN C 98 35.31 3.68 1.79
C GLN C 98 34.89 2.64 2.83
N THR C 99 33.57 2.46 3.01
CA THR C 99 33.10 1.40 3.91
C THR C 99 33.38 0.02 3.34
N ALA C 100 33.23 -0.13 2.03
CA ALA C 100 33.43 -1.44 1.40
C ALA C 100 34.91 -1.81 1.34
N SER C 101 35.79 -0.83 1.15
CA SER C 101 37.21 -1.11 0.96
C SER C 101 37.77 -1.77 2.20
N ALA C 102 37.33 -1.31 3.37
CA ALA C 102 37.69 -1.87 4.65
C ALA C 102 37.21 -3.32 4.84
N VAL C 103 36.27 -3.79 4.04
CA VAL C 103 35.78 -5.17 4.11
C VAL C 103 36.42 -6.04 3.03
N ALA C 104 36.63 -5.50 1.84
CA ALA C 104 37.06 -6.29 0.70
C ALA C 104 38.52 -6.70 0.80
N ALA C 105 39.39 -5.78 1.22
CA ALA C 105 40.81 -6.07 1.27
C ALA C 105 41.08 -7.30 2.15
N GLU C 106 40.39 -7.40 3.27
CA GLU C 106 40.57 -8.53 4.19
C GLU C 106 39.95 -9.82 3.69
N HIS C 107 39.28 -9.81 2.56
CA HIS C 107 38.80 -11.04 1.96
C HIS C 107 39.45 -11.30 0.60
N GLY C 108 40.50 -10.57 0.27
CA GLY C 108 41.22 -10.78 -0.98
C GLY C 108 40.45 -10.34 -2.21
N LEU C 109 39.65 -9.28 -2.10
CA LEU C 109 38.74 -8.88 -3.16
C LEU C 109 38.87 -7.41 -3.47
N ARG C 110 38.74 -7.08 -4.75
CA ARG C 110 38.57 -5.69 -5.14
C ARG C 110 37.12 -5.29 -4.95
N VAL C 111 36.91 -4.02 -4.59
CA VAL C 111 35.55 -3.50 -4.55
C VAL C 111 35.07 -3.31 -5.97
N ARG C 112 33.85 -3.76 -6.25
CA ARG C 112 33.22 -3.56 -7.54
C ARG C 112 32.06 -2.58 -7.40
N THR C 113 31.80 -1.80 -8.44
CA THR C 113 30.91 -0.65 -8.35
C THR C 113 29.66 -0.87 -9.20
N ASP C 114 28.50 -0.58 -8.64
CA ASP C 114 27.27 -0.56 -9.41
C ASP C 114 26.49 0.69 -9.03
N ALA C 115 26.39 1.62 -9.97
CA ALA C 115 25.69 2.87 -9.72
C ALA C 115 24.19 2.67 -9.49
N ARG C 116 23.64 1.50 -9.78
CA ARG C 116 22.24 1.25 -9.47
C ARG C 116 22.01 1.13 -7.98
N LEU C 117 23.09 1.05 -7.18
CA LEU C 117 23.02 1.01 -5.73
C LEU C 117 23.01 2.39 -5.09
N ARG C 118 23.01 3.45 -5.90
CA ARG C 118 23.01 4.81 -5.38
C ARG C 118 21.81 5.06 -4.47
N GLU C 119 21.97 6.05 -3.58
CA GLU C 119 20.87 6.43 -2.71
C GLU C 119 19.71 6.97 -3.53
N VAL C 120 18.51 6.87 -2.95
CA VAL C 120 17.35 7.56 -3.52
C VAL C 120 17.67 9.03 -3.74
N ARG C 121 17.21 9.56 -4.87
CA ARG C 121 17.35 10.98 -5.10
C ARG C 121 16.58 11.75 -4.04
N THR C 122 17.19 12.82 -3.52
CA THR C 122 16.63 13.57 -2.41
C THR C 122 16.29 15.00 -2.85
N ASN C 123 15.53 15.70 -2.00
CA ASN C 123 15.28 17.11 -2.24
C ASN C 123 16.58 17.89 -2.30
N TRP C 124 17.52 17.56 -1.41
CA TRP C 124 18.82 18.21 -1.44
C TRP C 124 19.47 18.07 -2.81
N ASP C 125 19.40 16.88 -3.41
CA ASP C 125 19.91 16.67 -4.77
C ASP C 125 19.25 17.62 -5.78
N ASP C 126 17.97 17.94 -5.58
CA ASP C 126 17.24 18.82 -6.48
C ASP C 126 17.30 20.28 -6.06
N GLY C 127 18.15 20.64 -5.11
CA GLY C 127 18.24 22.03 -4.70
C GLY C 127 17.05 22.56 -3.92
N ARG C 128 16.11 21.65 -3.44
CA ARG C 128 15.02 22.00 -2.56
CA ARG C 128 14.99 21.94 -2.56
C ARG C 128 15.39 21.73 -1.10
N PRO C 129 14.87 22.54 -0.18
CA PRO C 129 15.17 22.32 1.23
C PRO C 129 14.69 20.95 1.70
N SER C 130 15.50 20.33 2.56
CA SER C 130 15.07 19.09 3.20
C SER C 130 13.89 19.38 4.12
N GLU C 131 12.88 18.52 4.04
CA GLU C 131 11.62 18.71 4.76
C GLU C 131 11.30 17.46 5.54
N LEU C 132 10.94 17.66 6.80
CA LEU C 132 10.53 16.56 7.66
C LEU C 132 9.07 16.25 7.33
N LYS C 133 8.82 15.07 6.73
CA LYS C 133 7.49 14.57 6.48
C LYS C 133 6.90 13.90 7.71
N PRO C 134 5.57 13.90 7.81
CA PRO C 134 4.90 13.05 8.80
C PRO C 134 5.28 11.60 8.56
N HIS C 135 5.13 10.79 9.61
CA HIS C 135 5.45 9.38 9.50
C HIS C 135 4.58 8.72 8.43
N GLY C 136 5.22 7.94 7.56
CA GLY C 136 4.54 7.24 6.50
C GLY C 136 4.44 8.01 5.20
N VAL C 137 4.68 9.32 5.21
CA VAL C 137 4.63 10.10 3.99
C VAL C 137 5.97 9.94 3.26
N TYR C 138 5.91 9.50 2.00
CA TYR C 138 7.14 9.28 1.24
C TYR C 138 7.87 10.60 1.00
N PRO C 139 9.16 10.71 1.36
CA PRO C 139 9.80 12.04 1.38
C PRO C 139 10.76 12.32 0.24
N PHE C 140 10.82 11.49 -0.79
CA PHE C 140 11.85 11.67 -1.82
C PHE C 140 11.24 11.95 -3.20
N PRO C 141 11.96 12.68 -4.05
CA PRO C 141 11.45 12.92 -5.41
C PRO C 141 11.59 11.74 -6.36
N GLU C 142 12.53 10.82 -6.14
CA GLU C 142 12.58 9.60 -6.94
C GLU C 142 11.53 8.62 -6.44
N PRO C 143 10.59 8.18 -7.27
CA PRO C 143 9.48 7.34 -6.77
C PRO C 143 9.96 6.02 -6.20
N GLU C 144 9.24 5.57 -5.16
CA GLU C 144 9.61 4.36 -4.43
C GLU C 144 9.71 3.16 -5.36
N LYS C 145 8.75 3.02 -6.28
CA LYS C 145 8.78 1.85 -7.17
C LYS C 145 10.04 1.84 -8.02
N GLU C 146 10.52 3.02 -8.45
CA GLU C 146 11.74 3.07 -9.26
C GLU C 146 12.95 2.67 -8.43
N VAL C 147 13.03 3.13 -7.18
CA VAL C 147 14.11 2.74 -6.29
C VAL C 147 14.13 1.22 -6.09
N ALA C 148 12.96 0.65 -5.78
CA ALA C 148 12.87 -0.79 -5.52
C ALA C 148 13.35 -1.57 -6.73
N GLU C 149 12.90 -1.17 -7.92
CA GLU C 149 13.27 -1.89 -9.14
C GLU C 149 14.77 -1.86 -9.41
N ARG C 150 15.41 -0.68 -9.32
CA ARG C 150 16.84 -0.67 -9.61
C ARG C 150 17.64 -1.37 -8.52
N MET C 151 17.17 -1.26 -7.27
CA MET C 151 17.85 -1.97 -6.20
C MET C 151 17.71 -3.49 -6.35
N ARG C 152 16.54 -3.99 -6.71
CA ARG C 152 16.41 -5.43 -6.90
CA ARG C 152 16.42 -5.43 -6.90
C ARG C 152 17.27 -5.91 -8.07
N THR C 153 17.30 -5.14 -9.16
CA THR C 153 18.10 -5.50 -10.32
C THR C 153 19.60 -5.50 -9.97
N ALA C 154 20.05 -4.51 -9.19
CA ALA C 154 21.45 -4.47 -8.76
C ALA C 154 21.79 -5.66 -7.88
N VAL C 155 20.91 -5.99 -6.92
CA VAL C 155 21.22 -7.10 -6.03
C VAL C 155 21.21 -8.44 -6.77
N THR C 156 20.21 -8.65 -7.63
CA THR C 156 20.20 -9.83 -8.47
C THR C 156 21.47 -9.93 -9.32
N ALA C 157 21.94 -8.80 -9.84
CA ALA C 157 23.17 -8.81 -10.63
C ALA C 157 24.39 -9.16 -9.78
N ALA C 158 24.46 -8.64 -8.56
CA ALA C 158 25.61 -8.95 -7.69
C ALA C 158 25.62 -10.43 -7.33
N VAL C 159 24.45 -11.00 -7.05
CA VAL C 159 24.35 -12.45 -6.83
C VAL C 159 24.84 -13.22 -8.05
N ALA C 160 24.28 -12.90 -9.22
CA ALA C 160 24.61 -13.62 -10.44
C ALA C 160 26.07 -13.49 -10.81
N ALA C 161 26.69 -12.33 -10.51
CA ALA C 161 28.09 -12.09 -10.84
C ALA C 161 29.05 -12.87 -9.97
N THR C 162 28.58 -13.46 -8.87
CA THR C 162 29.46 -14.11 -7.91
C THR C 162 29.46 -15.61 -8.19
N PRO C 163 30.55 -16.20 -8.64
CA PRO C 163 30.56 -17.63 -8.91
C PRO C 163 30.36 -18.39 -7.62
N PRO C 164 29.58 -19.47 -7.64
CA PRO C 164 29.31 -20.21 -6.41
C PRO C 164 30.60 -20.59 -5.70
N ALA C 165 30.62 -20.37 -4.39
CA ALA C 165 31.79 -20.74 -3.62
C ALA C 165 31.85 -22.26 -3.46
N PRO C 166 33.04 -22.86 -3.51
CA PRO C 166 33.17 -24.31 -3.32
C PRO C 166 33.04 -24.77 -1.88
N ASP C 167 32.95 -23.87 -0.92
CA ASP C 167 32.74 -24.23 0.48
C ASP C 167 31.56 -23.44 1.01
N GLY C 168 30.60 -24.14 1.61
CA GLY C 168 29.55 -23.46 2.32
C GLY C 168 28.69 -22.58 1.44
N THR C 169 28.11 -21.56 2.07
CA THR C 169 27.15 -20.67 1.44
C THR C 169 27.88 -19.54 0.70
N THR C 170 27.54 -19.34 -0.57
CA THR C 170 28.06 -18.21 -1.33
C THR C 170 27.45 -16.93 -0.77
N ARG C 171 28.30 -15.93 -0.53
CA ARG C 171 27.87 -14.72 0.15
C ARG C 171 28.47 -13.50 -0.54
N VAL C 172 27.63 -12.52 -0.84
CA VAL C 172 28.10 -11.29 -1.45
C VAL C 172 27.72 -10.13 -0.55
N ALA C 173 28.68 -9.23 -0.29
CA ALA C 173 28.44 -8.03 0.50
C ALA C 173 28.13 -6.90 -0.47
N VAL C 174 27.09 -6.13 -0.16
CA VAL C 174 26.63 -5.04 -1.02
C VAL C 174 26.53 -3.82 -0.12
N VAL C 175 27.38 -2.81 -0.36
CA VAL C 175 27.42 -1.62 0.48
C VAL C 175 26.64 -0.51 -0.19
N GLY C 176 25.56 -0.10 0.46
CA GLY C 176 24.70 0.90 -0.13
C GLY C 176 24.27 1.95 0.84
N HIS C 177 23.02 2.40 0.68
CA HIS C 177 22.50 3.59 1.33
C HIS C 177 21.19 3.27 2.05
N ASP C 178 21.04 3.76 3.28
CA ASP C 178 20.00 3.22 4.16
C ASP C 178 18.58 3.35 3.61
N SER C 179 18.24 4.48 2.98
CA SER C 179 16.86 4.62 2.48
C SER C 179 16.58 3.69 1.30
N ALA C 180 17.49 3.64 0.33
CA ALA C 180 17.32 2.69 -0.78
C ALA C 180 17.30 1.24 -0.27
N LEU C 181 18.11 0.93 0.73
CA LEU C 181 18.14 -0.43 1.27
C LEU C 181 16.83 -0.80 1.95
N VAL C 182 16.26 0.11 2.74
CA VAL C 182 15.02 -0.22 3.42
C VAL C 182 13.84 -0.24 2.45
N ILE C 183 13.90 0.55 1.38
CA ILE C 183 12.91 0.45 0.30
C ILE C 183 12.96 -0.94 -0.36
N LEU C 184 14.16 -1.41 -0.70
CA LEU C 184 14.28 -2.75 -1.26
C LEU C 184 13.69 -3.80 -0.34
N MET C 185 14.05 -3.74 0.94
CA MET C 185 13.60 -4.80 1.85
C MET C 185 12.09 -4.75 2.06
N GLY C 186 11.51 -3.55 2.18
CA GLY C 186 10.06 -3.47 2.21
C GLY C 186 9.41 -4.06 0.96
N SER C 187 9.91 -3.69 -0.22
CA SER C 187 9.32 -4.20 -1.45
CA SER C 187 9.35 -4.20 -1.47
C SER C 187 9.40 -5.72 -1.51
N LEU C 188 10.48 -6.32 -1.01
CA LEU C 188 10.57 -7.76 -1.03
C LEU C 188 9.52 -8.43 -0.14
N MET C 189 9.01 -7.73 0.87
CA MET C 189 7.93 -8.25 1.69
C MET C 189 6.60 -7.63 1.33
N ASN C 190 6.51 -7.02 0.15
CA ASN C 190 5.27 -6.42 -0.36
C ASN C 190 4.75 -5.32 0.56
N LEU C 191 5.66 -4.60 1.22
CA LEU C 191 5.34 -3.50 2.12
C LEU C 191 5.78 -2.17 1.51
N GLY C 192 4.97 -1.13 1.69
CA GLY C 192 5.29 0.19 1.20
C GLY C 192 5.99 1.04 2.25
N TRP C 193 6.45 2.22 1.82
CA TRP C 193 7.27 3.07 2.67
C TRP C 193 6.56 3.31 4.00
N GLY C 194 7.29 3.10 5.10
CA GLY C 194 6.76 3.34 6.42
C GLY C 194 6.06 2.17 7.07
N GLN C 195 5.66 1.16 6.28
CA GLN C 195 5.12 -0.05 6.88
C GLN C 195 6.22 -0.82 7.60
N LEU C 196 7.35 -1.02 6.93
CA LEU C 196 8.51 -1.55 7.64
C LEU C 196 9.10 -0.37 8.39
N ASP C 197 8.59 -0.15 9.61
CA ASP C 197 8.80 1.11 10.34
C ASP C 197 10.12 1.05 11.12
N MET C 198 11.21 1.17 10.37
CA MET C 198 12.56 1.13 10.93
C MET C 198 13.48 2.01 10.13
N ILE C 199 14.54 2.47 10.78
CA ILE C 199 15.70 3.02 10.10
C ILE C 199 16.81 1.97 10.18
N LEU C 200 17.68 1.99 9.18
CA LEU C 200 18.82 1.10 9.18
C LEU C 200 20.02 1.89 9.69
N PRO C 201 20.63 1.50 10.81
CA PRO C 201 21.80 2.24 11.31
C PRO C 201 22.96 2.17 10.33
N LEU C 202 23.83 3.18 10.42
CA LEU C 202 25.02 3.19 9.60
C LEU C 202 25.94 2.03 9.98
N THR C 203 26.50 1.35 8.96
CA THR C 203 27.21 0.08 9.06
C THR C 203 26.34 -1.09 9.51
N SER C 204 25.01 -0.94 9.52
CA SER C 204 24.20 -2.10 9.87
C SER C 204 24.26 -3.16 8.76
N VAL C 205 24.03 -4.40 9.18
CA VAL C 205 24.01 -5.56 8.29
C VAL C 205 22.58 -6.11 8.23
N SER C 206 22.08 -6.27 7.01
CA SER C 206 20.83 -6.96 6.74
C SER C 206 21.11 -8.10 5.77
N VAL C 207 20.42 -9.22 5.91
CA VAL C 207 20.71 -10.42 5.12
C VAL C 207 19.51 -10.79 4.28
N LEU C 208 19.76 -11.02 2.98
CA LEU C 208 18.80 -11.66 2.10
C LEU C 208 19.29 -13.06 1.80
N ALA C 209 18.33 -13.97 1.63
CA ALA C 209 18.59 -15.32 1.12
C ALA C 209 18.01 -15.41 -0.28
N VAL C 210 18.80 -15.94 -1.23
CA VAL C 210 18.45 -15.88 -2.64
C VAL C 210 18.59 -17.27 -3.24
N LYS C 211 17.58 -17.70 -3.99
CA LYS C 211 17.71 -18.90 -4.81
C LYS C 211 16.85 -18.69 -6.06
N ASP C 212 17.50 -18.62 -7.22
CA ASP C 212 16.83 -18.43 -8.51
C ASP C 212 16.11 -17.10 -8.49
N GLU C 213 14.78 -17.06 -8.64
CA GLU C 213 14.03 -15.82 -8.69
C GLU C 213 13.45 -15.43 -7.33
N ARG C 214 13.74 -16.18 -6.28
CA ARG C 214 13.20 -15.92 -4.96
C ARG C 214 14.23 -15.17 -4.12
N MET C 215 13.81 -14.10 -3.46
CA MET C 215 14.68 -13.27 -2.63
C MET C 215 13.95 -13.03 -1.31
N VAL C 216 14.49 -13.57 -0.23
CA VAL C 216 13.84 -13.60 1.08
C VAL C 216 14.59 -12.67 2.04
N VAL C 217 13.86 -11.83 2.78
CA VAL C 217 14.50 -11.02 3.81
C VAL C 217 14.70 -11.89 5.04
N ARG C 218 15.95 -12.10 5.43
CA ARG C 218 16.32 -12.99 6.53
C ARG C 218 16.59 -12.23 7.82
N SER C 219 17.23 -11.05 7.75
CA SER C 219 17.51 -10.24 8.92
C SER C 219 17.67 -8.79 8.48
N ILE C 220 17.42 -7.86 9.43
CA ILE C 220 17.31 -6.44 9.11
C ILE C 220 18.01 -5.58 10.15
N GLY C 221 18.95 -4.74 9.71
CA GLY C 221 19.38 -3.57 10.47
C GLY C 221 20.28 -3.80 11.67
N ASP C 222 21.02 -4.90 11.71
CA ASP C 222 21.82 -5.23 12.88
C ASP C 222 23.13 -4.45 12.87
N ALA C 223 23.33 -3.59 13.87
CA ALA C 223 24.60 -2.88 14.04
C ALA C 223 25.20 -3.20 15.40
N THR C 224 25.03 -4.44 15.86
CA THR C 224 25.45 -4.82 17.20
C THR C 224 26.97 -4.79 17.39
N HIS C 225 27.76 -4.75 16.31
CA HIS C 225 29.20 -4.55 16.44
C HIS C 225 29.53 -3.21 17.07
N LEU C 226 28.59 -2.27 17.09
CA LEU C 226 28.80 -0.98 17.72
C LEU C 226 28.42 -0.94 19.20
N ALA C 227 27.92 -2.06 19.74
CA ALA C 227 27.38 -2.04 21.10
C ALA C 227 28.47 -1.86 22.15
N ALA C 228 29.63 -2.49 21.94
CA ALA C 228 30.70 -2.43 22.93
C ALA C 228 31.61 -1.22 22.76
N ALA C 229 31.44 -0.46 21.68
CA ALA C 229 32.30 0.69 21.41
C ALA C 229 31.97 1.83 22.37
N PRO C 230 32.86 2.82 22.47
CA PRO C 230 32.54 4.02 23.26
C PRO C 230 31.34 4.76 22.68
N SER C 231 30.85 5.73 23.46
CA SER C 231 29.54 6.32 23.15
C SER C 231 29.56 7.24 21.93
N ASP C 232 30.68 7.92 21.66
CA ASP C 232 30.72 8.75 20.46
C ASP C 232 30.91 7.93 19.19
N VAL C 233 31.23 6.65 19.31
CA VAL C 233 31.34 5.76 18.15
C VAL C 233 30.03 4.97 18.05
N ILE C 234 28.90 5.68 18.15
CA ILE C 234 27.61 5.06 17.85
C ILE C 234 27.61 4.72 16.37
N MET D 13 28.11 28.41 3.71
CA MET D 13 27.91 26.96 3.73
C MET D 13 26.46 26.60 4.02
N SER D 14 25.57 27.57 3.77
CA SER D 14 24.12 27.32 3.75
C SER D 14 23.76 26.78 2.36
N ASP D 15 24.14 25.52 2.14
CA ASP D 15 23.97 24.86 0.84
C ASP D 15 23.03 23.66 0.90
N GLY D 16 22.18 23.59 1.92
CA GLY D 16 21.30 22.46 2.13
C GLY D 16 21.79 21.42 3.12
N ARG D 17 23.06 21.47 3.54
CA ARG D 17 23.53 20.44 4.47
C ARG D 17 22.90 20.60 5.85
N GLU D 18 22.68 21.84 6.30
CA GLU D 18 22.10 22.08 7.62
C GLU D 18 20.70 21.47 7.72
N SER D 19 19.82 21.75 6.74
CA SER D 19 18.48 21.19 6.79
CA SER D 19 18.48 21.19 6.79
C SER D 19 18.50 19.68 6.66
N PHE D 20 19.42 19.14 5.84
CA PHE D 20 19.55 17.70 5.70
C PHE D 20 19.89 17.08 7.03
N LEU D 21 20.85 17.68 7.75
CA LEU D 21 21.26 17.14 9.03
C LEU D 21 20.18 17.28 10.09
N GLU D 22 19.47 18.42 10.09
CA GLU D 22 18.42 18.63 11.10
C GLU D 22 17.29 17.64 10.91
N VAL D 23 16.84 17.46 9.68
CA VAL D 23 15.79 16.47 9.40
C VAL D 23 16.25 15.07 9.79
N MET D 24 17.47 14.69 9.41
CA MET D 24 17.98 13.38 9.80
C MET D 24 17.98 13.19 11.31
N ARG D 25 18.36 14.23 12.06
CA ARG D 25 18.31 14.11 13.51
C ARG D 25 16.89 13.90 14.00
N SER D 26 15.93 14.64 13.43
CA SER D 26 14.54 14.47 13.84
C SER D 26 14.06 13.05 13.57
N VAL D 27 14.39 12.50 12.41
CA VAL D 27 14.06 11.11 12.10
C VAL D 27 14.70 10.17 13.12
N TYR D 28 16.00 10.33 13.37
CA TYR D 28 16.68 9.46 14.33
C TYR D 28 16.01 9.51 15.70
N GLU D 29 15.60 10.70 16.14
CA GLU D 29 14.96 10.83 17.45
C GLU D 29 13.64 10.08 17.50
N ARG D 30 12.92 10.01 16.38
CA ARG D 30 11.67 9.25 16.32
C ARG D 30 11.89 7.77 16.63
N TYR D 31 13.05 7.24 16.28
CA TYR D 31 13.38 5.84 16.51
C TYR D 31 14.24 5.68 17.75
N LEU D 32 14.19 6.67 18.65
CA LEU D 32 14.87 6.64 19.93
C LEU D 32 16.39 6.59 19.81
N VAL D 33 16.94 7.14 18.71
CA VAL D 33 18.39 7.25 18.53
C VAL D 33 18.82 8.66 18.88
N GLY D 34 19.82 8.79 19.75
CA GLY D 34 20.20 10.10 20.25
C GLY D 34 19.29 10.64 21.32
N VAL D 35 18.62 9.76 22.06
CA VAL D 35 17.63 10.13 23.05
C VAL D 35 18.08 9.58 24.40
N PRO D 36 18.13 10.39 25.45
CA PRO D 36 18.50 9.87 26.77
C PRO D 36 17.40 8.96 27.32
N GLY D 37 17.80 8.09 28.25
CA GLY D 37 16.87 7.25 28.96
C GLY D 37 16.39 6.02 28.22
N VAL D 38 17.03 5.66 27.11
CA VAL D 38 16.60 4.53 26.30
C VAL D 38 17.32 3.28 26.78
N SER D 39 16.56 2.22 27.03
CA SER D 39 17.14 0.91 27.29
C SER D 39 17.03 0.06 26.03
N GLU D 40 17.83 -0.99 25.94
CA GLU D 40 17.72 -1.93 24.84
C GLU D 40 17.27 -3.27 25.37
N VAL D 41 16.39 -3.93 24.61
CA VAL D 41 16.01 -5.32 24.84
C VAL D 41 16.53 -6.13 23.67
N TRP D 42 17.37 -7.12 23.95
CA TRP D 42 17.91 -8.00 22.93
C TRP D 42 17.09 -9.29 22.95
N LEU D 43 16.14 -9.37 22.03
CA LEU D 43 15.26 -10.54 21.89
C LEU D 43 16.03 -11.65 21.20
N ILE D 44 16.07 -12.81 21.82
CA ILE D 44 16.86 -13.93 21.32
C ILE D 44 15.91 -15.12 21.11
N ALA D 45 15.88 -15.65 19.88
CA ALA D 45 15.15 -16.91 19.67
C ALA D 45 15.98 -18.07 20.21
N HIS D 46 15.33 -18.99 20.92
CA HIS D 46 16.08 -20.10 21.49
C HIS D 46 16.84 -20.90 20.41
N ALA D 47 17.76 -21.74 20.89
CA ALA D 47 18.59 -22.56 20.00
C ALA D 47 17.85 -23.83 19.60
N ASP D 48 18.39 -24.53 18.61
CA ASP D 48 17.67 -25.68 18.06
C ASP D 48 17.35 -26.75 19.11
N SER D 49 16.11 -27.23 19.06
CA SER D 49 15.69 -28.38 19.85
C SER D 49 14.97 -29.40 19.00
N TYR D 50 14.85 -29.17 17.70
CA TYR D 50 14.05 -30.06 16.88
CA TYR D 50 14.05 -29.99 16.80
C TYR D 50 14.88 -31.01 16.01
N THR D 51 16.19 -30.79 15.88
CA THR D 51 17.01 -31.77 15.17
C THR D 51 17.07 -33.05 16.00
N GLY D 52 16.68 -34.17 15.41
CA GLY D 52 16.63 -35.41 16.15
C GLY D 52 15.43 -35.56 17.07
N LEU D 53 14.46 -34.65 17.01
CA LEU D 53 13.29 -34.78 17.85
C LEU D 53 12.54 -36.07 17.60
N GLU D 54 12.68 -36.66 16.41
CA GLU D 54 12.06 -37.95 16.11
C GLU D 54 12.58 -39.07 17.00
N ASP D 55 13.78 -38.91 17.56
CA ASP D 55 14.38 -39.90 18.45
C ASP D 55 14.39 -39.46 19.92
N TYR D 56 13.73 -38.34 20.25
CA TYR D 56 13.84 -37.79 21.60
C TYR D 56 13.08 -38.63 22.62
N ASP D 57 13.76 -38.95 23.73
CA ASP D 57 13.20 -39.87 24.77
C ASP D 57 12.28 -39.12 25.75
N GLY D 58 12.42 -37.80 25.88
CA GLY D 58 11.65 -37.05 26.85
C GLY D 58 10.39 -36.46 26.28
N ASP D 59 9.88 -35.45 26.94
CA ASP D 59 8.68 -34.75 26.53
C ASP D 59 8.97 -33.98 25.25
N PRO D 60 8.43 -34.40 24.10
CA PRO D 60 8.81 -33.73 22.83
C PRO D 60 8.21 -32.36 22.68
N ARG D 61 7.23 -32.00 23.51
CA ARG D 61 6.72 -30.62 23.51
C ARG D 61 7.53 -29.68 24.38
N ASP D 62 8.38 -30.18 25.27
CA ASP D 62 9.31 -29.35 26.05
C ASP D 62 10.72 -29.95 26.00
N PRO D 63 11.33 -30.06 24.81
CA PRO D 63 12.64 -30.70 24.72
C PRO D 63 13.78 -29.81 25.19
N ALA D 64 14.86 -30.45 25.62
CA ALA D 64 16.13 -29.76 25.79
C ALA D 64 16.72 -29.46 24.43
N LEU D 65 17.80 -28.69 24.44
CA LEU D 65 18.49 -28.39 23.18
C LEU D 65 19.06 -29.67 22.57
N SER D 66 19.08 -29.70 21.24
CA SER D 66 19.81 -30.75 20.54
C SER D 66 21.30 -30.50 20.62
N GLU D 67 22.08 -31.47 20.14
CA GLU D 67 23.52 -31.25 20.02
C GLU D 67 23.81 -30.04 19.13
N LYS D 68 23.09 -29.93 18.01
CA LYS D 68 23.18 -28.75 17.16
C LYS D 68 22.86 -27.48 17.95
N GLY D 69 21.79 -27.52 18.73
CA GLY D 69 21.40 -26.35 19.50
C GLY D 69 22.44 -25.94 20.53
N ARG D 70 23.07 -26.92 21.19
CA ARG D 70 24.11 -26.56 22.14
C ARG D 70 25.26 -25.83 21.44
N ALA D 71 25.57 -26.25 20.19
CA ALA D 71 26.62 -25.60 19.41
C ALA D 71 26.20 -24.19 19.00
N GLN D 72 24.95 -24.00 18.58
CA GLN D 72 24.45 -22.67 18.25
C GLN D 72 24.52 -21.76 19.48
N ALA D 73 24.12 -22.29 20.63
CA ALA D 73 24.09 -21.48 21.85
C ALA D 73 25.50 -21.07 22.28
N ARG D 74 26.48 -21.95 22.08
CA ARG D 74 27.86 -21.60 22.40
C ARG D 74 28.33 -20.45 21.53
N LEU D 75 28.02 -20.49 20.22
CA LEU D 75 28.40 -19.39 19.34
C LEU D 75 27.70 -18.10 19.72
N LEU D 76 26.42 -18.21 20.09
CA LEU D 76 25.67 -17.04 20.55
C LEU D 76 26.29 -16.45 21.80
N ALA D 77 26.59 -17.29 22.80
CA ALA D 77 27.14 -16.79 24.05
C ALA D 77 28.47 -16.10 23.83
N ALA D 78 29.28 -16.62 22.91
CA ALA D 78 30.56 -15.98 22.60
C ALA D 78 30.33 -14.63 21.91
N ARG D 79 29.39 -14.58 20.99
CA ARG D 79 29.08 -13.30 20.35
C ARG D 79 28.71 -12.24 21.37
N LEU D 80 27.89 -12.60 22.35
CA LEU D 80 27.35 -11.63 23.29
C LEU D 80 28.23 -11.43 24.51
N ALA D 81 29.33 -12.19 24.63
CA ALA D 81 30.20 -12.06 25.79
C ALA D 81 30.73 -10.65 25.95
N GLY D 82 31.01 -9.96 24.85
CA GLY D 82 31.59 -8.64 24.87
C GLY D 82 30.59 -7.52 24.95
N VAL D 83 29.31 -7.84 25.01
CA VAL D 83 28.24 -6.84 25.04
C VAL D 83 27.81 -6.65 26.49
N PRO D 84 27.83 -5.44 27.03
CA PRO D 84 27.36 -5.27 28.42
C PRO D 84 25.89 -5.63 28.49
N LEU D 85 25.56 -6.51 29.42
CA LEU D 85 24.19 -6.94 29.65
C LEU D 85 23.90 -6.84 31.14
N HIS D 86 22.68 -6.46 31.47
CA HIS D 86 22.31 -6.17 32.85
C HIS D 86 21.17 -7.05 33.35
N GLY D 87 20.65 -7.93 32.51
CA GLY D 87 19.67 -8.92 32.91
C GLY D 87 19.45 -9.91 31.80
N VAL D 88 19.08 -11.14 32.16
CA VAL D 88 18.71 -12.17 31.19
C VAL D 88 17.40 -12.79 31.63
N TRP D 89 16.43 -12.81 30.73
CA TRP D 89 15.13 -13.42 30.97
C TRP D 89 14.88 -14.54 29.97
N ALA D 90 14.03 -15.48 30.37
CA ALA D 90 13.63 -16.58 29.49
C ALA D 90 12.22 -17.03 29.82
N SER D 91 11.58 -17.65 28.83
CA SER D 91 10.35 -18.38 29.14
C SER D 91 10.69 -19.56 30.04
N GLY D 92 9.67 -20.27 30.48
CA GLY D 92 9.90 -21.47 31.28
C GLY D 92 10.31 -22.70 30.50
N ALA D 93 10.29 -22.65 29.17
CA ALA D 93 10.62 -23.82 28.36
C ALA D 93 12.09 -24.19 28.54
N HIS D 94 12.37 -25.50 28.59
CA HIS D 94 13.76 -25.94 28.71
C HIS D 94 14.64 -25.31 27.65
N ARG D 95 14.17 -25.31 26.40
CA ARG D 95 15.01 -24.85 25.30
C ARG D 95 15.34 -23.37 25.42
N ALA D 96 14.43 -22.59 25.98
CA ALA D 96 14.70 -21.17 26.23
C ALA D 96 15.62 -20.98 27.42
N GLN D 97 15.32 -21.66 28.54
N GLN D 97 15.32 -21.66 28.54
CA GLN D 97 16.18 -21.56 29.72
CA GLN D 97 16.17 -21.58 29.72
C GLN D 97 17.61 -21.98 29.40
C GLN D 97 17.61 -21.98 29.40
N GLN D 98 17.78 -23.07 28.63
CA GLN D 98 19.12 -23.55 28.33
C GLN D 98 19.89 -22.56 27.48
N THR D 99 19.21 -21.95 26.50
CA THR D 99 19.85 -20.93 25.69
C THR D 99 20.21 -19.72 26.53
N ALA D 100 19.30 -19.31 27.41
CA ALA D 100 19.55 -18.17 28.29
C ALA D 100 20.71 -18.42 29.23
N SER D 101 20.78 -19.63 29.80
CA SER D 101 21.90 -19.92 30.71
C SER D 101 23.24 -19.79 30.01
N ALA D 102 23.30 -20.24 28.75
CA ALA D 102 24.55 -20.11 28.02
C ALA D 102 24.94 -18.64 27.86
N VAL D 103 23.97 -17.79 27.54
CA VAL D 103 24.27 -16.37 27.40
C VAL D 103 24.68 -15.77 28.76
N ALA D 104 23.89 -16.06 29.79
CA ALA D 104 24.05 -15.42 31.11
C ALA D 104 25.37 -15.79 31.77
N ALA D 105 25.88 -17.00 31.52
CA ALA D 105 27.11 -17.46 32.16
C ALA D 105 28.33 -16.63 31.79
N GLU D 106 28.24 -15.80 30.76
CA GLU D 106 29.36 -14.96 30.35
C GLU D 106 29.31 -13.59 31.00
N HIS D 107 28.31 -13.33 31.84
CA HIS D 107 28.07 -11.99 32.38
C HIS D 107 27.79 -12.01 33.88
N GLY D 108 27.91 -13.16 34.54
CA GLY D 108 27.61 -13.21 35.96
C GLY D 108 26.18 -12.88 36.30
N LEU D 109 25.23 -13.21 35.43
CA LEU D 109 23.81 -12.91 35.65
C LEU D 109 23.03 -14.21 35.85
N ARG D 110 21.98 -14.13 36.66
CA ARG D 110 21.06 -15.27 36.87
C ARG D 110 19.91 -15.16 35.86
N VAL D 111 19.53 -16.26 35.25
CA VAL D 111 18.38 -16.25 34.36
C VAL D 111 17.10 -16.08 35.17
N ARG D 112 16.27 -15.12 34.77
CA ARG D 112 14.98 -14.89 35.40
C ARG D 112 13.88 -15.37 34.46
N THR D 113 12.83 -15.93 35.01
CA THR D 113 11.81 -16.61 34.21
C THR D 113 10.49 -15.86 34.20
N ASP D 114 9.90 -15.74 33.01
CA ASP D 114 8.55 -15.21 32.87
C ASP D 114 7.79 -16.09 31.88
N ALA D 115 6.79 -16.81 32.40
CA ALA D 115 5.97 -17.70 31.58
C ALA D 115 5.25 -16.98 30.45
N ARG D 116 5.03 -15.66 30.56
CA ARG D 116 4.39 -14.93 29.48
C ARG D 116 5.24 -14.85 28.23
N LEU D 117 6.52 -15.22 28.32
CA LEU D 117 7.40 -15.33 27.15
C LEU D 117 7.24 -16.65 26.40
N ARG D 118 6.30 -17.50 26.79
CA ARG D 118 6.11 -18.81 26.18
C ARG D 118 5.73 -18.64 24.70
N GLU D 119 6.04 -19.68 23.91
CA GLU D 119 5.66 -19.67 22.52
C GLU D 119 4.13 -19.63 22.40
N VAL D 120 3.66 -19.13 21.26
CA VAL D 120 2.24 -19.21 20.94
C VAL D 120 1.79 -20.65 21.10
N ARG D 121 0.59 -20.84 21.64
CA ARG D 121 0.06 -22.19 21.75
C ARG D 121 -0.19 -22.74 20.36
N THR D 122 0.20 -23.98 20.14
CA THR D 122 0.10 -24.64 18.84
C THR D 122 -0.95 -25.75 18.89
N ASN D 123 -1.35 -26.20 17.70
CA ASN D 123 -2.24 -27.36 17.61
C ASN D 123 -1.62 -28.59 18.26
N TRP D 124 -0.31 -28.79 18.09
CA TRP D 124 0.36 -29.90 18.75
C TRP D 124 0.19 -29.83 20.27
N ASP D 125 0.33 -28.63 20.85
CA ASP D 125 0.12 -28.46 22.29
C ASP D 125 -1.26 -28.94 22.70
N ASP D 126 -2.28 -28.63 21.88
CA ASP D 126 -3.65 -29.03 22.18
C ASP D 126 -3.94 -30.49 21.80
N GLY D 127 -2.93 -31.24 21.36
CA GLY D 127 -3.17 -32.62 20.97
C GLY D 127 -3.93 -32.77 19.68
N ARG D 128 -3.80 -31.82 18.77
CA ARG D 128 -4.46 -31.84 17.48
C ARG D 128 -3.43 -31.99 16.37
N PRO D 129 -3.85 -32.40 15.18
CA PRO D 129 -2.87 -32.54 14.09
C PRO D 129 -2.29 -31.19 13.72
N SER D 130 -1.01 -31.19 13.34
CA SER D 130 -0.41 -29.99 12.80
C SER D 130 -0.81 -29.84 11.34
N GLU D 131 -1.15 -28.61 10.96
CA GLU D 131 -1.59 -28.32 9.61
C GLU D 131 -0.77 -27.16 9.06
N LEU D 132 -0.34 -27.29 7.81
CA LEU D 132 0.36 -26.22 7.11
C LEU D 132 -0.67 -25.29 6.47
N LYS D 133 -0.72 -23.99 6.96
CA LYS D 133 -1.61 -22.97 6.42
C LYS D 133 -0.92 -22.25 5.26
N PRO D 134 -1.70 -21.70 4.33
CA PRO D 134 -1.11 -20.87 3.28
C PRO D 134 -0.42 -19.66 3.89
N HIS D 135 0.50 -19.08 3.14
CA HIS D 135 1.16 -17.85 3.58
C HIS D 135 0.12 -16.79 3.92
N GLY D 136 0.36 -16.11 5.04
CA GLY D 136 -0.52 -15.05 5.49
C GLY D 136 -1.71 -15.48 6.31
N VAL D 137 -1.98 -16.78 6.43
CA VAL D 137 -3.11 -17.27 7.21
C VAL D 137 -2.59 -17.62 8.59
N TYR D 138 -3.18 -17.01 9.62
CA TYR D 138 -2.70 -17.21 10.98
C TYR D 138 -2.87 -18.66 11.40
N PRO D 139 -1.81 -19.35 11.82
CA PRO D 139 -1.87 -20.81 11.96
C PRO D 139 -2.02 -21.32 13.39
N PHE D 140 -2.24 -20.45 14.37
CA PHE D 140 -2.19 -20.93 15.75
C PHE D 140 -3.56 -20.81 16.43
N PRO D 141 -3.86 -21.67 17.41
CA PRO D 141 -5.13 -21.55 18.15
C PRO D 141 -5.15 -20.42 19.18
N GLU D 142 -4.00 -19.96 19.65
CA GLU D 142 -3.97 -18.79 20.52
C GLU D 142 -3.98 -17.54 19.66
N PRO D 143 -4.95 -16.64 19.81
CA PRO D 143 -5.07 -15.49 18.91
C PRO D 143 -3.87 -14.56 18.94
N GLU D 144 -3.58 -13.97 17.78
CA GLU D 144 -2.43 -13.10 17.66
C GLU D 144 -2.48 -11.95 18.65
N LYS D 145 -3.66 -11.35 18.85
CA LYS D 145 -3.74 -10.23 19.77
C LYS D 145 -3.42 -10.64 21.21
N GLU D 146 -3.76 -11.86 21.61
CA GLU D 146 -3.37 -12.31 22.95
C GLU D 146 -1.86 -12.49 23.06
N VAL D 147 -1.23 -13.04 22.01
CA VAL D 147 0.22 -13.23 22.03
C VAL D 147 0.92 -11.88 22.10
N ALA D 148 0.46 -10.93 21.27
CA ALA D 148 1.09 -9.61 21.25
C ALA D 148 0.96 -8.90 22.59
N GLU D 149 -0.21 -8.96 23.22
CA GLU D 149 -0.39 -8.26 24.48
C GLU D 149 0.48 -8.88 25.58
N ARG D 150 0.52 -10.21 25.68
CA ARG D 150 1.33 -10.81 26.75
C ARG D 150 2.81 -10.60 26.50
N MET D 151 3.26 -10.66 25.24
CA MET D 151 4.68 -10.41 24.95
C MET D 151 5.06 -8.97 25.26
N ARG D 152 4.20 -8.01 24.92
CA ARG D 152 4.46 -6.61 25.23
C ARG D 152 4.65 -6.41 26.73
N THR D 153 3.76 -6.99 27.55
CA THR D 153 3.87 -6.82 29.00
C THR D 153 5.10 -7.51 29.56
N ALA D 154 5.48 -8.68 29.00
CA ALA D 154 6.65 -9.37 29.51
C ALA D 154 7.92 -8.55 29.27
N VAL D 155 8.04 -7.91 28.10
CA VAL D 155 9.24 -7.15 27.78
C VAL D 155 9.34 -5.89 28.65
N THR D 156 8.25 -5.13 28.78
CA THR D 156 8.30 -3.93 29.61
C THR D 156 8.51 -4.27 31.08
N ALA D 157 7.92 -5.38 31.54
CA ALA D 157 8.16 -5.79 32.92
C ALA D 157 9.62 -6.20 33.16
N ALA D 158 10.24 -6.85 32.18
CA ALA D 158 11.67 -7.19 32.29
C ALA D 158 12.53 -5.95 32.42
N VAL D 159 12.22 -4.91 31.64
CA VAL D 159 12.93 -3.64 31.79
C VAL D 159 12.67 -3.03 33.16
N ALA D 160 11.42 -3.02 33.62
CA ALA D 160 11.13 -2.41 34.91
C ALA D 160 11.77 -3.17 36.07
N ALA D 161 12.12 -4.44 35.87
CA ALA D 161 12.80 -5.25 36.87
C ALA D 161 14.32 -5.16 36.78
N THR D 162 14.86 -4.37 35.85
CA THR D 162 16.31 -4.19 35.67
C THR D 162 16.71 -2.79 36.11
N PRO D 163 17.57 -2.64 37.10
CA PRO D 163 18.01 -1.31 37.51
C PRO D 163 18.73 -0.60 36.38
N PRO D 164 18.51 0.70 36.21
CA PRO D 164 19.26 1.43 35.18
C PRO D 164 20.75 1.25 35.40
N ALA D 165 21.44 0.83 34.34
CA ALA D 165 22.88 0.56 34.42
C ALA D 165 23.64 1.86 34.65
N PRO D 166 24.73 1.81 35.44
CA PRO D 166 25.44 3.05 35.75
C PRO D 166 26.18 3.67 34.58
N ASP D 167 26.69 2.88 33.65
CA ASP D 167 27.48 3.36 32.52
C ASP D 167 26.81 2.94 31.22
N GLY D 168 26.42 3.91 30.41
CA GLY D 168 25.90 3.58 29.11
C GLY D 168 24.52 2.97 29.15
N THR D 169 24.19 2.28 28.06
CA THR D 169 22.83 1.83 27.81
C THR D 169 22.52 0.57 28.60
N THR D 170 21.38 0.59 29.30
CA THR D 170 20.89 -0.61 29.96
C THR D 170 20.41 -1.60 28.91
N ARG D 171 20.88 -2.85 29.00
CA ARG D 171 20.54 -3.87 28.02
C ARG D 171 20.05 -5.11 28.75
N VAL D 172 18.89 -5.61 28.32
CA VAL D 172 18.28 -6.81 28.87
C VAL D 172 18.15 -7.83 27.75
N ALA D 173 18.67 -9.03 27.97
CA ALA D 173 18.47 -10.11 27.01
C ALA D 173 17.22 -10.87 27.39
N VAL D 174 16.40 -11.19 26.39
CA VAL D 174 15.13 -11.90 26.62
C VAL D 174 15.10 -13.06 25.63
N VAL D 175 15.19 -14.28 26.16
CA VAL D 175 15.18 -15.48 25.33
C VAL D 175 13.77 -16.04 25.21
N GLY D 176 13.25 -16.06 23.99
CA GLY D 176 11.91 -16.57 23.76
C GLY D 176 11.82 -17.45 22.54
N HIS D 177 10.70 -17.37 21.85
CA HIS D 177 10.34 -18.35 20.84
C HIS D 177 9.93 -17.62 19.57
N ASP D 178 10.31 -18.17 18.41
CA ASP D 178 10.35 -17.33 17.21
C ASP D 178 8.98 -16.84 16.76
N SER D 179 7.90 -17.63 16.91
CA SER D 179 6.61 -17.11 16.46
C SER D 179 6.10 -15.99 17.36
N ALA D 180 6.14 -16.19 18.68
CA ALA D 180 5.72 -15.12 19.59
C ALA D 180 6.58 -13.88 19.42
N LEU D 181 7.87 -14.06 19.14
CA LEU D 181 8.74 -12.90 18.96
C LEU D 181 8.39 -12.12 17.71
N VAL D 182 8.12 -12.81 16.60
CA VAL D 182 7.81 -12.07 15.36
C VAL D 182 6.42 -11.44 15.48
N ILE D 183 5.51 -12.07 16.21
CA ILE D 183 4.21 -11.45 16.50
C ILE D 183 4.41 -10.15 17.28
N LEU D 184 5.28 -10.19 18.32
CA LEU D 184 5.57 -8.97 19.08
C LEU D 184 6.11 -7.86 18.18
N MET D 185 7.10 -8.18 17.35
CA MET D 185 7.74 -7.11 16.59
C MET D 185 6.79 -6.56 15.53
N GLY D 186 6.00 -7.43 14.89
CA GLY D 186 4.96 -6.94 14.01
C GLY D 186 4.01 -6.00 14.71
N SER D 187 3.55 -6.39 15.91
CA SER D 187 2.60 -5.57 16.66
CA SER D 187 2.60 -5.54 16.61
C SER D 187 3.20 -4.21 16.99
N LEU D 188 4.51 -4.16 17.31
CA LEU D 188 5.15 -2.89 17.65
C LEU D 188 5.24 -1.96 16.45
N MET D 189 5.19 -2.50 15.23
CA MET D 189 5.09 -1.68 14.03
C MET D 189 3.64 -1.53 13.57
N ASN D 190 2.68 -1.90 14.41
CA ASN D 190 1.25 -1.81 14.07
C ASN D 190 0.93 -2.62 12.82
N LEU D 191 1.57 -3.77 12.67
CA LEU D 191 1.36 -4.67 11.55
C LEU D 191 0.69 -5.95 12.02
N GLY D 192 -0.11 -6.55 11.13
CA GLY D 192 -0.72 -7.83 11.42
C GLY D 192 0.13 -9.00 10.93
N TRP D 193 -0.29 -10.20 11.33
CA TRP D 193 0.41 -11.42 10.94
C TRP D 193 0.52 -11.51 9.42
N GLY D 194 1.74 -11.76 8.94
CA GLY D 194 2.02 -11.89 7.54
C GLY D 194 2.59 -10.66 6.89
N GLN D 195 2.38 -9.48 7.47
CA GLN D 195 2.99 -8.27 6.90
C GLN D 195 4.50 -8.29 7.08
N LEU D 196 4.96 -8.46 8.32
CA LEU D 196 6.38 -8.68 8.59
C LEU D 196 6.62 -10.15 8.31
N ASP D 197 6.89 -10.45 7.04
CA ASP D 197 6.90 -11.83 6.53
C ASP D 197 8.28 -12.47 6.69
N MET D 198 8.55 -12.95 7.91
CA MET D 198 9.86 -13.46 8.28
C MET D 198 9.71 -14.57 9.30
N ILE D 199 10.62 -15.55 9.25
CA ILE D 199 10.81 -16.49 10.34
C ILE D 199 12.16 -16.18 10.98
N LEU D 200 12.17 -16.01 12.30
CA LEU D 200 13.40 -15.64 12.96
C LEU D 200 14.28 -16.87 13.12
N PRO D 201 15.55 -16.83 12.70
CA PRO D 201 16.40 -18.01 12.87
C PRO D 201 16.63 -18.35 14.34
N LEU D 202 16.93 -19.61 14.59
CA LEU D 202 17.27 -20.02 15.94
C LEU D 202 18.57 -19.36 16.37
N THR D 203 18.59 -18.88 17.61
CA THR D 203 19.62 -18.03 18.21
C THR D 203 19.74 -16.65 17.57
N SER D 204 18.79 -16.24 16.73
CA SER D 204 18.87 -14.88 16.20
C SER D 204 18.67 -13.84 17.31
N VAL D 205 19.22 -12.66 17.06
CA VAL D 205 19.13 -11.50 17.93
C VAL D 205 18.30 -10.44 17.22
N SER D 206 17.31 -9.90 17.93
CA SER D 206 16.52 -8.76 17.46
C SER D 206 16.52 -7.72 18.57
N VAL D 207 16.82 -6.47 18.25
CA VAL D 207 17.01 -5.43 19.25
C VAL D 207 15.79 -4.50 19.26
N LEU D 208 15.24 -4.27 20.44
CA LEU D 208 14.26 -3.22 20.69
C LEU D 208 14.90 -2.07 21.47
N ALA D 209 14.45 -0.86 21.15
CA ALA D 209 14.74 0.31 21.96
C ALA D 209 13.50 0.68 22.76
N VAL D 210 13.68 0.91 24.06
CA VAL D 210 12.57 1.07 24.99
C VAL D 210 12.79 2.34 25.80
N LYS D 211 11.75 3.16 25.90
CA LYS D 211 11.78 4.33 26.77
C LYS D 211 10.40 4.45 27.36
N ASP D 212 10.30 4.30 28.68
CA ASP D 212 9.01 4.28 29.37
C ASP D 212 8.24 3.13 28.76
N GLU D 213 7.04 3.34 28.24
CA GLU D 213 6.28 2.20 27.73
C GLU D 213 6.37 2.09 26.20
N ARG D 214 7.13 2.97 25.56
CA ARG D 214 7.30 2.97 24.12
C ARG D 214 8.41 2.02 23.73
N MET D 215 8.14 1.16 22.75
CA MET D 215 9.12 0.21 22.24
C MET D 215 9.22 0.36 20.72
N VAL D 216 10.45 0.44 20.22
CA VAL D 216 10.76 0.63 18.82
C VAL D 216 11.60 -0.55 18.37
N VAL D 217 11.29 -1.09 17.19
CA VAL D 217 12.09 -2.19 16.64
C VAL D 217 13.36 -1.61 16.00
N ARG D 218 14.53 -2.03 16.49
CA ARG D 218 15.81 -1.51 16.01
C ARG D 218 16.49 -2.48 15.03
N SER D 219 16.36 -3.78 15.26
CA SER D 219 16.92 -4.75 14.33
C SER D 219 16.18 -6.08 14.51
N ILE D 220 16.24 -6.93 13.48
CA ILE D 220 15.41 -8.14 13.42
C ILE D 220 16.20 -9.33 12.86
N GLY D 221 16.23 -10.42 13.64
CA GLY D 221 16.49 -11.75 13.10
C GLY D 221 17.93 -12.10 12.77
N ASP D 222 18.89 -11.45 13.41
CA ASP D 222 20.29 -11.59 13.03
C ASP D 222 20.91 -12.83 13.67
N ALA D 223 21.28 -13.81 12.86
CA ALA D 223 21.99 -14.99 13.34
C ALA D 223 23.36 -15.08 12.71
N THR D 224 23.99 -13.93 12.45
CA THR D 224 25.25 -13.92 11.72
C THR D 224 26.42 -14.58 12.47
N HIS D 225 26.26 -14.85 13.77
CA HIS D 225 27.28 -15.62 14.48
C HIS D 225 27.38 -17.05 13.97
N LEU D 226 26.42 -17.51 13.18
CA LEU D 226 26.46 -18.84 12.61
C LEU D 226 27.06 -18.87 11.21
N ALA D 227 27.43 -17.71 10.66
CA ALA D 227 27.80 -17.65 9.24
C ALA D 227 29.02 -18.48 8.91
N ALA D 228 29.97 -18.61 9.84
CA ALA D 228 31.20 -19.34 9.59
C ALA D 228 31.11 -20.81 10.01
N ALA D 229 30.02 -21.21 10.63
CA ALA D 229 29.93 -22.53 11.24
C ALA D 229 29.72 -23.62 10.19
N PRO D 230 30.04 -24.86 10.52
CA PRO D 230 29.75 -25.97 9.61
C PRO D 230 28.25 -26.07 9.33
N SER D 231 27.92 -26.86 8.31
CA SER D 231 26.54 -26.94 7.85
C SER D 231 25.64 -27.67 8.84
N ASP D 232 26.20 -28.58 9.65
CA ASP D 232 25.37 -29.26 10.64
C ASP D 232 25.05 -28.39 11.85
N VAL D 233 25.60 -27.18 11.93
CA VAL D 233 25.26 -26.22 12.98
C VAL D 233 24.31 -25.14 12.46
N ILE D 234 24.27 -24.92 11.15
CA ILE D 234 23.53 -23.81 10.57
C ILE D 234 22.02 -24.01 10.66
#